data_6RSF
#
_entry.id   6RSF
#
_cell.length_a   1.000
_cell.length_b   1.000
_cell.length_c   1.000
_cell.angle_alpha   90.00
_cell.angle_beta   90.00
_cell.angle_gamma   90.00
#
_symmetry.space_group_name_H-M   'P 1'
#
_entity_poly.entity_id   1
_entity_poly.type   'polypeptide(L)'
_entity_poly.pdbx_seq_one_letter_code
;GWGSFFRRAAHVGRHVGRAALTHYL
;
_entity_poly.pdbx_strand_id   A
#
# COMPACT_ATOMS: atom_id res chain seq x y z
N GLY A 1 -14.52 2.78 -10.59
CA GLY A 1 -15.28 3.65 -11.47
C GLY A 1 -14.39 4.41 -12.42
N TRP A 2 -14.14 5.67 -12.12
CA TRP A 2 -13.28 6.51 -12.97
C TRP A 2 -11.82 6.17 -12.74
N GLY A 3 -11.52 5.59 -11.58
CA GLY A 3 -10.16 5.23 -11.24
C GLY A 3 -10.05 4.68 -9.83
N SER A 4 -11.19 4.42 -9.22
CA SER A 4 -11.22 3.90 -7.86
C SER A 4 -10.42 4.80 -6.93
N PHE A 5 -10.73 6.09 -6.96
CA PHE A 5 -10.03 7.05 -6.11
C PHE A 5 -10.44 6.89 -4.64
N PHE A 6 -9.64 6.15 -3.88
CA PHE A 6 -9.92 5.93 -2.47
C PHE A 6 -8.66 5.52 -1.73
N ARG A 7 -8.24 4.27 -1.91
CA ARG A 7 -7.04 3.76 -1.26
C ARG A 7 -5.82 4.57 -1.65
N ARG A 8 -5.90 5.25 -2.80
CA ARG A 8 -4.80 6.07 -3.27
C ARG A 8 -4.45 7.15 -2.25
N ALA A 9 -5.36 7.41 -1.32
CA ALA A 9 -5.14 8.42 -0.29
C ALA A 9 -4.11 7.94 0.72
N ALA A 10 -3.59 6.72 0.51
CA ALA A 10 -2.60 6.16 1.43
C ALA A 10 -2.00 4.89 0.85
N HIS A 11 -2.30 4.61 -0.41
CA HIS A 11 -1.78 3.42 -1.08
C HIS A 11 -2.05 2.19 -0.22
N VAL A 12 -3.29 1.70 -0.27
CA VAL A 12 -3.69 0.53 0.51
C VAL A 12 -3.45 0.76 2.00
N GLY A 13 -2.20 0.66 2.42
CA GLY A 13 -1.86 0.87 3.81
C GLY A 13 -0.36 0.97 4.01
N ARG A 14 0.36 1.30 2.94
CA ARG A 14 1.81 1.43 3.01
C ARG A 14 2.43 0.21 3.68
N HIS A 15 3.64 0.37 4.20
CA HIS A 15 4.33 -0.72 4.88
C HIS A 15 4.35 -1.97 4.00
N VAL A 16 3.44 -2.91 4.27
CA VAL A 16 3.39 -4.14 3.48
C VAL A 16 3.32 -3.81 1.99
N GLY A 17 2.66 -2.71 1.66
CA GLY A 17 2.53 -2.29 0.27
C GLY A 17 3.87 -2.08 -0.39
N ARG A 18 4.67 -1.17 0.16
CA ARG A 18 5.98 -0.88 -0.38
C ARG A 18 6.86 -2.12 -0.34
N ALA A 19 7.23 -2.54 0.86
CA ALA A 19 8.08 -3.72 1.03
C ALA A 19 8.13 -4.15 2.48
N ALA A 20 8.73 -5.31 2.74
CA ALA A 20 8.83 -5.82 4.10
C ALA A 20 9.77 -7.02 4.15
N LEU A 21 10.14 -7.54 2.98
CA LEU A 21 11.02 -8.69 2.91
C LEU A 21 12.34 -8.39 3.62
N THR A 22 12.60 -7.11 3.87
CA THR A 22 13.82 -6.71 4.55
C THR A 22 13.79 -7.14 6.02
N HIS A 23 12.61 -7.03 6.64
CA HIS A 23 12.46 -7.41 8.03
C HIS A 23 12.61 -8.91 8.21
N TYR A 24 13.61 -9.31 8.99
CA TYR A 24 13.85 -10.73 9.23
C TYR A 24 12.68 -11.36 9.97
N LEU A 25 11.79 -10.52 10.48
CA LEU A 25 10.63 -11.00 11.21
C LEU A 25 9.87 -12.02 10.37
N GLY A 1 -13.70 8.24 -10.39
CA GLY A 1 -12.66 7.58 -11.15
C GLY A 1 -12.69 6.08 -10.98
N TRP A 2 -11.60 5.42 -11.35
CA TRP A 2 -11.50 3.97 -11.23
C TRP A 2 -11.24 3.57 -9.79
N GLY A 3 -12.27 3.69 -8.95
CA GLY A 3 -12.15 3.34 -7.55
C GLY A 3 -11.42 4.43 -6.76
N SER A 4 -10.87 5.40 -7.48
CA SER A 4 -10.16 6.51 -6.86
C SER A 4 -8.97 6.00 -6.04
N PHE A 5 -8.72 4.69 -6.08
CA PHE A 5 -7.61 4.11 -5.33
C PHE A 5 -6.28 4.40 -6.04
N PHE A 6 -5.42 5.17 -5.36
CA PHE A 6 -4.11 5.51 -5.92
C PHE A 6 -3.16 5.93 -4.81
N ARG A 7 -3.03 5.07 -3.80
CA ARG A 7 -2.15 5.37 -2.67
C ARG A 7 -2.49 6.73 -2.07
N ARG A 8 -3.70 6.83 -1.52
CA ARG A 8 -4.14 8.09 -0.91
C ARG A 8 -5.29 7.82 0.06
N ALA A 9 -6.12 6.84 -0.26
CA ALA A 9 -7.26 6.50 0.59
C ALA A 9 -6.76 5.82 1.86
N ALA A 10 -6.89 6.50 2.99
CA ALA A 10 -6.45 5.95 4.27
C ALA A 10 -4.99 5.49 4.18
N HIS A 11 -4.78 4.26 3.72
CA HIS A 11 -3.43 3.72 3.59
C HIS A 11 -3.43 2.51 2.67
N VAL A 12 -4.43 2.43 1.80
CA VAL A 12 -4.54 1.31 0.88
C VAL A 12 -3.48 1.42 -0.22
N GLY A 13 -2.25 1.03 0.10
CA GLY A 13 -1.17 1.09 -0.85
C GLY A 13 0.07 0.36 -0.36
N ARG A 14 0.15 0.16 0.95
CA ARG A 14 1.29 -0.52 1.54
C ARG A 14 1.32 -1.98 1.11
N HIS A 15 0.22 -2.68 1.35
CA HIS A 15 0.12 -4.09 0.97
C HIS A 15 0.48 -4.29 -0.49
N VAL A 16 -0.46 -3.98 -1.37
CA VAL A 16 -0.23 -4.13 -2.81
C VAL A 16 0.66 -3.00 -3.33
N GLY A 17 1.96 -3.12 -3.08
CA GLY A 17 2.90 -2.11 -3.52
C GLY A 17 4.27 -2.30 -2.88
N ARG A 18 4.34 -2.07 -1.56
CA ARG A 18 5.59 -2.22 -0.83
C ARG A 18 5.86 -3.69 -0.52
N ALA A 19 5.01 -4.27 0.33
CA ALA A 19 5.15 -5.67 0.71
C ALA A 19 6.60 -5.97 1.13
N ALA A 20 6.85 -5.91 2.42
CA ALA A 20 8.19 -6.17 2.95
C ALA A 20 8.17 -6.25 4.47
N LEU A 21 7.37 -7.17 5.01
CA LEU A 21 7.28 -7.34 6.45
C LEU A 21 8.56 -7.97 6.98
N THR A 22 9.55 -8.11 6.10
CA THR A 22 10.84 -8.70 6.49
C THR A 22 11.58 -7.79 7.47
N HIS A 23 11.49 -8.11 8.75
CA HIS A 23 12.16 -7.31 9.77
C HIS A 23 13.67 -7.39 9.60
N TYR A 24 14.36 -6.31 9.97
CA TYR A 24 15.81 -6.27 9.86
C TYR A 24 16.46 -7.23 10.85
N LEU A 25 17.39 -8.04 10.37
CA LEU A 25 18.08 -9.00 11.22
C LEU A 25 19.01 -8.27 12.19
N GLY A 1 -17.49 5.97 -8.16
CA GLY A 1 -16.34 5.33 -7.56
C GLY A 1 -16.70 4.56 -6.30
N TRP A 2 -15.68 4.14 -5.56
CA TRP A 2 -15.90 3.39 -4.33
C TRP A 2 -14.61 3.31 -3.51
N GLY A 3 -14.26 2.11 -3.05
CA GLY A 3 -13.06 1.93 -2.26
C GLY A 3 -11.81 1.94 -3.13
N SER A 4 -11.74 2.91 -4.05
CA SER A 4 -10.59 3.03 -4.94
C SER A 4 -9.33 3.38 -4.14
N PHE A 5 -8.40 4.06 -4.81
CA PHE A 5 -7.15 4.43 -4.16
C PHE A 5 -6.41 5.47 -5.00
N PHE A 6 -5.48 6.19 -4.37
CA PHE A 6 -4.71 7.21 -5.06
C PHE A 6 -3.52 7.66 -4.22
N ARG A 7 -3.76 7.93 -2.96
CA ARG A 7 -2.70 8.35 -2.04
C ARG A 7 -3.16 8.21 -0.60
N ARG A 8 -3.40 6.97 -0.19
CA ARG A 8 -3.85 6.69 1.18
C ARG A 8 -3.64 5.22 1.52
N ALA A 9 -3.36 4.95 2.79
CA ALA A 9 -3.13 3.58 3.23
C ALA A 9 -1.97 2.95 2.46
N ALA A 10 -1.32 3.75 1.62
CA ALA A 10 -0.19 3.27 0.84
C ALA A 10 -0.59 2.03 0.04
N HIS A 11 -0.74 2.19 -1.27
CA HIS A 11 -1.11 1.07 -2.13
C HIS A 11 -0.80 1.40 -3.59
N VAL A 12 -0.76 2.68 -3.92
CA VAL A 12 -0.48 3.11 -5.28
C VAL A 12 0.84 2.50 -5.76
N GLY A 13 1.81 2.41 -4.87
CA GLY A 13 3.10 1.85 -5.20
C GLY A 13 4.14 2.13 -4.13
N ARG A 14 4.09 1.38 -3.04
CA ARG A 14 5.03 1.57 -1.95
C ARG A 14 4.98 0.38 -1.00
N HIS A 15 3.76 -0.05 -0.65
CA HIS A 15 3.60 -1.18 0.25
C HIS A 15 4.09 -2.47 -0.40
N VAL A 16 3.29 -3.00 -1.33
CA VAL A 16 3.66 -4.23 -2.02
C VAL A 16 4.99 -4.06 -2.76
N GLY A 17 5.31 -2.81 -3.10
CA GLY A 17 6.54 -2.54 -3.81
C GLY A 17 7.77 -2.71 -2.92
N ARG A 18 7.81 -1.94 -1.84
CA ARG A 18 8.94 -2.02 -0.92
C ARG A 18 9.01 -3.40 -0.28
N ALA A 19 7.93 -3.82 0.37
CA ALA A 19 7.88 -5.13 1.02
C ALA A 19 6.45 -5.48 1.39
N ALA A 20 5.97 -6.61 0.86
CA ALA A 20 4.60 -7.05 1.14
C ALA A 20 4.49 -7.55 2.57
N LEU A 21 5.56 -8.19 3.06
CA LEU A 21 5.55 -8.73 4.42
C LEU A 21 5.74 -7.61 5.44
N THR A 22 6.97 -7.11 5.57
CA THR A 22 7.26 -6.03 6.51
C THR A 22 6.86 -6.44 7.92
N HIS A 23 5.57 -6.32 8.24
CA HIS A 23 5.07 -6.69 9.56
C HIS A 23 5.95 -6.12 10.67
N TYR A 24 6.80 -5.15 10.31
CA TYR A 24 7.68 -4.52 11.28
C TYR A 24 8.50 -5.58 12.03
N LEU A 25 9.66 -5.93 11.49
CA LEU A 25 10.51 -6.92 12.12
C LEU A 25 11.19 -6.33 13.35
N GLY A 1 -9.91 2.86 -3.11
CA GLY A 1 -10.60 2.29 -4.26
C GLY A 1 -9.95 2.69 -5.56
N TRP A 2 -10.30 3.87 -6.05
CA TRP A 2 -9.73 4.36 -7.31
C TRP A 2 -10.07 5.83 -7.51
N GLY A 3 -11.22 6.26 -6.98
CA GLY A 3 -11.64 7.64 -7.09
C GLY A 3 -10.58 8.60 -6.62
N SER A 4 -9.53 8.06 -5.99
CA SER A 4 -8.44 8.89 -5.49
C SER A 4 -7.27 8.02 -5.05
N PHE A 5 -6.08 8.60 -5.08
CA PHE A 5 -4.88 7.86 -4.69
C PHE A 5 -3.68 8.81 -4.56
N PHE A 6 -2.82 8.53 -3.59
CA PHE A 6 -1.64 9.35 -3.36
C PHE A 6 -0.65 8.63 -2.47
N ARG A 7 -0.43 7.35 -2.77
CA ARG A 7 0.51 6.54 -1.99
C ARG A 7 0.13 6.56 -0.52
N ARG A 8 -1.13 6.24 -0.24
CA ARG A 8 -1.62 6.22 1.15
C ARG A 8 -1.15 4.95 1.85
N ALA A 9 -0.69 3.98 1.07
CA ALA A 9 -0.21 2.73 1.63
C ALA A 9 -1.28 2.08 2.52
N ALA A 10 -2.26 1.45 1.88
CA ALA A 10 -3.33 0.80 2.61
C ALA A 10 -4.14 -0.12 1.69
N HIS A 11 -4.22 0.26 0.42
CA HIS A 11 -4.96 -0.54 -0.56
C HIS A 11 -4.71 -0.03 -1.97
N VAL A 12 -3.85 0.98 -2.09
CA VAL A 12 -3.54 1.55 -3.40
C VAL A 12 -2.68 0.58 -4.20
N GLY A 13 -2.14 -0.43 -3.53
CA GLY A 13 -1.31 -1.41 -4.19
C GLY A 13 -0.68 -2.38 -3.19
N ARG A 14 -1.30 -3.55 -3.03
CA ARG A 14 -0.81 -4.55 -2.11
C ARG A 14 0.47 -5.20 -2.65
N HIS A 15 1.50 -5.25 -1.80
CA HIS A 15 2.78 -5.85 -2.19
C HIS A 15 2.70 -7.37 -2.09
N VAL A 16 2.41 -7.87 -0.89
CA VAL A 16 2.30 -9.30 -0.65
C VAL A 16 1.31 -9.57 0.48
N GLY A 17 0.67 -8.50 0.95
CA GLY A 17 -0.29 -8.59 2.03
C GLY A 17 -0.73 -7.23 2.50
N ARG A 18 -1.18 -6.41 1.56
CA ARG A 18 -1.63 -5.06 1.88
C ARG A 18 -0.54 -4.30 2.65
N ALA A 19 0.58 -4.05 1.97
CA ALA A 19 1.69 -3.34 2.59
C ALA A 19 2.69 -2.87 1.54
N ALA A 20 3.84 -2.39 1.98
CA ALA A 20 4.87 -1.91 1.07
C ALA A 20 6.20 -1.75 1.81
N LEU A 21 7.28 -2.23 1.19
CA LEU A 21 8.59 -2.13 1.79
C LEU A 21 8.59 -2.70 3.21
N THR A 22 8.38 -4.01 3.31
CA THR A 22 8.36 -4.66 4.61
C THR A 22 9.75 -4.71 5.23
N HIS A 23 10.03 -5.74 6.01
CA HIS A 23 11.34 -5.89 6.63
C HIS A 23 11.69 -4.64 7.43
N TYR A 24 10.70 -4.05 8.07
CA TYR A 24 10.92 -2.85 8.86
C TYR A 24 11.81 -3.15 10.06
N LEU A 25 12.52 -2.14 10.55
CA LEU A 25 13.41 -2.32 11.69
C LEU A 25 12.59 -2.52 12.97
N GLY A 1 -16.48 9.59 -3.13
CA GLY A 1 -16.15 8.18 -3.06
C GLY A 1 -16.79 7.40 -4.20
N TRP A 2 -15.96 6.84 -5.06
CA TRP A 2 -16.45 6.06 -6.20
C TRP A 2 -15.35 5.16 -6.75
N GLY A 3 -15.12 4.03 -6.10
CA GLY A 3 -14.09 3.10 -6.53
C GLY A 3 -12.70 3.65 -6.30
N SER A 4 -12.62 4.76 -5.58
CA SER A 4 -11.33 5.39 -5.31
C SER A 4 -10.44 4.43 -4.52
N PHE A 5 -11.04 3.73 -3.55
CA PHE A 5 -10.28 2.79 -2.73
C PHE A 5 -9.83 1.60 -3.57
N PHE A 6 -8.54 1.52 -3.82
CA PHE A 6 -7.98 0.42 -4.62
C PHE A 6 -6.46 0.45 -4.59
N ARG A 7 -5.90 1.62 -4.87
CA ARG A 7 -4.44 1.77 -4.87
C ARG A 7 -4.07 3.26 -4.96
N ARG A 8 -4.54 4.04 -3.99
CA ARG A 8 -4.27 5.49 -3.97
C ARG A 8 -4.21 5.99 -2.54
N ALA A 9 -5.02 5.37 -1.67
CA ALA A 9 -5.07 5.77 -0.27
C ALA A 9 -3.70 5.61 0.37
N ALA A 10 -3.04 6.73 0.65
CA ALA A 10 -1.72 6.69 1.26
C ALA A 10 -0.77 5.81 0.46
N HIS A 11 -1.12 5.57 -0.80
CA HIS A 11 -0.30 4.74 -1.67
C HIS A 11 -0.05 3.38 -1.03
N VAL A 12 -1.12 2.60 -0.87
CA VAL A 12 -1.01 1.28 -0.28
C VAL A 12 -0.36 0.29 -1.26
N GLY A 13 0.23 -0.77 -0.71
CA GLY A 13 0.88 -1.77 -1.54
C GLY A 13 2.24 -1.30 -2.03
N ARG A 14 2.28 -0.10 -2.59
CA ARG A 14 3.54 0.45 -3.10
C ARG A 14 4.42 0.93 -1.96
N HIS A 15 4.35 0.24 -0.82
CA HIS A 15 5.15 0.61 0.34
C HIS A 15 6.63 0.52 0.00
N VAL A 16 7.17 1.61 -0.55
CA VAL A 16 8.58 1.64 -0.91
C VAL A 16 8.92 0.48 -1.83
N GLY A 17 8.36 0.51 -3.04
CA GLY A 17 8.61 -0.55 -4.01
C GLY A 17 8.39 -1.93 -3.40
N ARG A 18 7.26 -2.10 -2.72
CA ARG A 18 6.94 -3.37 -2.10
C ARG A 18 8.09 -3.85 -1.21
N ALA A 19 8.19 -3.25 -0.03
CA ALA A 19 9.26 -3.62 0.90
C ALA A 19 9.26 -5.12 1.13
N ALA A 20 10.40 -5.66 1.56
CA ALA A 20 10.53 -7.09 1.81
C ALA A 20 9.74 -7.47 3.06
N LEU A 21 10.00 -8.68 3.56
CA LEU A 21 9.32 -9.16 4.76
C LEU A 21 9.82 -8.42 6.00
N THR A 22 9.45 -7.16 6.11
CA THR A 22 9.88 -6.35 7.25
C THR A 22 9.47 -7.02 8.56
N HIS A 23 9.88 -6.41 9.67
CA HIS A 23 9.56 -6.96 10.98
C HIS A 23 8.08 -6.77 11.30
N TYR A 24 7.77 -6.56 12.58
CA TYR A 24 6.39 -6.36 13.00
C TYR A 24 5.55 -7.60 12.68
N LEU A 25 5.18 -7.74 11.41
CA LEU A 25 4.38 -8.88 10.97
C LEU A 25 4.97 -10.18 11.50
N GLY A 1 -3.46 10.19 -9.54
CA GLY A 1 -4.76 9.63 -9.88
C GLY A 1 -4.87 9.33 -11.36
N TRP A 2 -5.19 8.08 -11.68
CA TRP A 2 -5.32 7.66 -13.07
C TRP A 2 -6.01 6.30 -13.17
N GLY A 3 -7.19 6.20 -12.57
CA GLY A 3 -7.93 4.95 -12.58
C GLY A 3 -7.35 3.92 -11.64
N SER A 4 -6.03 3.81 -11.63
CA SER A 4 -5.36 2.85 -10.76
C SER A 4 -5.36 3.35 -9.32
N PHE A 5 -4.80 2.54 -8.42
CA PHE A 5 -4.74 2.91 -7.01
C PHE A 5 -3.77 4.07 -6.80
N PHE A 6 -4.08 4.93 -5.83
CA PHE A 6 -3.22 6.07 -5.53
C PHE A 6 -3.56 6.66 -4.17
N ARG A 7 -4.83 6.95 -3.95
CA ARG A 7 -5.28 7.51 -2.68
C ARG A 7 -6.80 7.49 -2.59
N ARG A 8 -7.37 6.30 -2.64
CA ARG A 8 -8.83 6.17 -2.56
C ARG A 8 -9.35 6.71 -1.24
N ALA A 9 -8.89 6.12 -0.14
CA ALA A 9 -9.32 6.55 1.19
C ALA A 9 -8.43 5.95 2.27
N ALA A 10 -8.49 4.63 2.40
CA ALA A 10 -7.68 3.93 3.39
C ALA A 10 -7.63 2.44 3.08
N HIS A 11 -6.63 2.04 2.29
CA HIS A 11 -6.47 0.64 1.92
C HIS A 11 -5.06 0.39 1.38
N VAL A 12 -4.58 1.31 0.55
CA VAL A 12 -3.25 1.18 -0.03
C VAL A 12 -2.19 1.28 1.07
N GLY A 13 -1.14 0.46 0.96
CA GLY A 13 -0.07 0.47 1.94
C GLY A 13 -0.46 -0.26 3.22
N ARG A 14 -1.62 0.10 3.77
CA ARG A 14 -2.09 -0.53 4.99
C ARG A 14 -2.57 -1.95 4.73
N HIS A 15 -1.62 -2.84 4.42
CA HIS A 15 -1.95 -4.23 4.14
C HIS A 15 -2.58 -4.90 5.37
N VAL A 16 -2.42 -6.21 5.48
CA VAL A 16 -2.98 -6.95 6.60
C VAL A 16 -2.33 -6.49 7.90
N GLY A 17 -1.23 -5.75 7.79
CA GLY A 17 -0.53 -5.27 8.97
C GLY A 17 0.58 -4.31 8.60
N ARG A 18 0.27 -3.35 7.72
CA ARG A 18 1.25 -2.36 7.29
C ARG A 18 2.49 -3.05 6.74
N ALA A 19 2.32 -3.80 5.67
CA ALA A 19 3.45 -4.51 5.06
C ALA A 19 4.20 -5.34 6.09
N ALA A 20 5.38 -5.81 5.72
CA ALA A 20 6.20 -6.61 6.62
C ALA A 20 7.59 -6.81 6.05
N LEU A 21 8.16 -7.99 6.29
CA LEU A 21 9.50 -8.30 5.77
C LEU A 21 9.49 -8.32 4.25
N THR A 22 9.93 -7.21 3.66
CA THR A 22 9.97 -7.11 2.20
C THR A 22 10.80 -5.90 1.78
N HIS A 23 12.12 -6.07 1.75
CA HIS A 23 13.02 -4.99 1.36
C HIS A 23 14.42 -5.53 1.09
N TYR A 24 15.21 -4.75 0.36
CA TYR A 24 16.58 -5.15 0.05
C TYR A 24 17.47 -5.05 1.28
N LEU A 25 18.66 -4.48 1.11
CA LEU A 25 19.60 -4.33 2.23
C LEU A 25 19.82 -5.69 2.90
N GLY A 1 -13.26 6.92 -10.01
CA GLY A 1 -13.54 6.07 -8.86
C GLY A 1 -14.83 5.29 -9.05
N TRP A 2 -14.93 4.16 -8.35
CA TRP A 2 -16.12 3.32 -8.44
C TRP A 2 -16.10 2.24 -7.36
N GLY A 3 -14.94 2.08 -6.73
CA GLY A 3 -14.79 1.08 -5.68
C GLY A 3 -13.42 1.15 -5.04
N SER A 4 -12.40 1.44 -5.84
CA SER A 4 -11.04 1.54 -5.34
C SER A 4 -10.94 2.64 -4.29
N PHE A 5 -9.94 2.55 -3.42
CA PHE A 5 -9.75 3.54 -2.38
C PHE A 5 -9.44 4.91 -3.00
N PHE A 6 -8.26 5.02 -3.62
CA PHE A 6 -7.86 6.27 -4.26
C PHE A 6 -6.78 6.01 -5.31
N ARG A 7 -5.52 6.07 -4.89
CA ARG A 7 -4.42 5.84 -5.81
C ARG A 7 -4.35 4.37 -6.21
N ARG A 8 -4.44 3.49 -5.23
CA ARG A 8 -4.39 2.05 -5.49
C ARG A 8 -4.78 1.28 -4.23
N ALA A 9 -4.43 1.81 -3.07
CA ALA A 9 -4.74 1.16 -1.80
C ALA A 9 -4.62 2.16 -0.65
N ALA A 10 -4.06 1.70 0.47
CA ALA A 10 -3.90 2.58 1.63
C ALA A 10 -2.92 3.70 1.33
N HIS A 11 -1.69 3.33 1.00
CA HIS A 11 -0.65 4.32 0.69
C HIS A 11 0.45 3.69 -0.14
N VAL A 12 0.14 3.34 -1.39
CA VAL A 12 1.12 2.73 -2.28
C VAL A 12 2.40 3.56 -2.31
N GLY A 13 3.52 2.89 -2.57
CA GLY A 13 4.81 3.56 -2.63
C GLY A 13 5.34 3.86 -1.24
N ARG A 14 4.53 4.55 -0.43
CA ARG A 14 4.93 4.90 0.93
C ARG A 14 4.41 3.86 1.93
N HIS A 15 4.92 3.92 3.15
CA HIS A 15 4.50 2.98 4.19
C HIS A 15 4.67 1.53 3.72
N VAL A 16 3.56 0.91 3.31
CA VAL A 16 3.59 -0.46 2.84
C VAL A 16 4.54 -0.61 1.66
N GLY A 17 4.55 0.38 0.78
CA GLY A 17 5.41 0.33 -0.38
C GLY A 17 6.88 0.22 0.00
N ARG A 18 7.35 1.15 0.82
CA ARG A 18 8.74 1.12 1.25
C ARG A 18 9.03 -0.13 2.06
N ALA A 19 8.16 -0.44 3.01
CA ALA A 19 8.33 -1.63 3.84
C ALA A 19 8.27 -2.89 2.98
N ALA A 20 8.84 -3.97 3.50
CA ALA A 20 8.84 -5.24 2.77
C ALA A 20 9.39 -6.36 3.65
N LEU A 21 10.70 -6.41 3.81
CA LEU A 21 11.33 -7.43 4.63
C LEU A 21 11.01 -7.20 6.10
N THR A 22 10.29 -6.12 6.39
CA THR A 22 9.93 -5.79 7.76
C THR A 22 9.00 -6.85 8.33
N HIS A 23 7.72 -6.74 8.01
CA HIS A 23 6.73 -7.70 8.50
C HIS A 23 7.03 -9.10 7.98
N TYR A 24 7.38 -10.00 8.89
CA TYR A 24 7.69 -11.38 8.52
C TYR A 24 6.51 -12.01 7.77
N LEU A 25 6.81 -12.99 6.93
CA LEU A 25 5.77 -13.67 6.17
C LEU A 25 4.92 -14.56 7.09
N GLY A 1 -11.56 12.47 -5.53
CA GLY A 1 -10.92 11.57 -6.45
C GLY A 1 -11.77 11.29 -7.67
N TRP A 2 -11.52 10.16 -8.33
CA TRP A 2 -12.28 9.78 -9.51
C TRP A 2 -12.07 8.31 -9.84
N GLY A 3 -10.90 7.80 -9.51
CA GLY A 3 -10.59 6.40 -9.77
C GLY A 3 -9.13 6.08 -9.53
N SER A 4 -8.66 6.36 -8.32
CA SER A 4 -7.26 6.09 -7.98
C SER A 4 -7.03 6.30 -6.48
N PHE A 5 -5.76 6.26 -6.07
CA PHE A 5 -5.41 6.45 -4.67
C PHE A 5 -3.95 6.88 -4.55
N PHE A 6 -3.58 7.37 -3.37
CA PHE A 6 -2.21 7.81 -3.13
C PHE A 6 -1.95 7.97 -1.64
N ARG A 7 -3.01 8.01 -0.85
CA ARG A 7 -2.88 8.16 0.59
C ARG A 7 -2.28 6.90 1.21
N ARG A 8 -2.23 5.82 0.43
CA ARG A 8 -1.68 4.56 0.91
C ARG A 8 -2.38 4.14 2.20
N ALA A 9 -3.69 3.96 2.13
CA ALA A 9 -4.46 3.55 3.31
C ALA A 9 -4.20 2.09 3.64
N ALA A 10 -4.13 1.25 2.62
CA ALA A 10 -3.88 -0.17 2.82
C ALA A 10 -3.39 -0.81 1.51
N HIS A 11 -3.70 -0.16 0.40
CA HIS A 11 -3.29 -0.68 -0.90
C HIS A 11 -1.78 -0.85 -0.96
N VAL A 12 -1.06 0.26 -0.90
CA VAL A 12 0.39 0.22 -0.95
C VAL A 12 0.89 -0.47 -2.22
N GLY A 13 0.87 -1.79 -2.21
CA GLY A 13 1.31 -2.55 -3.36
C GLY A 13 1.04 -4.04 -3.20
N ARG A 14 0.48 -4.42 -2.05
CA ARG A 14 0.19 -5.82 -1.79
C ARG A 14 1.40 -6.70 -2.08
N HIS A 15 2.50 -6.45 -1.37
CA HIS A 15 3.71 -7.23 -1.56
C HIS A 15 3.45 -8.71 -1.29
N VAL A 16 3.43 -9.07 -0.01
CA VAL A 16 3.18 -10.46 0.37
C VAL A 16 1.69 -10.77 0.32
N GLY A 17 1.01 -10.21 -0.68
CA GLY A 17 -0.41 -10.42 -0.84
C GLY A 17 -1.24 -9.49 0.03
N ARG A 18 -0.54 -8.69 0.84
CA ARG A 18 -1.22 -7.75 1.73
C ARG A 18 -0.20 -6.82 2.37
N ALA A 19 0.80 -6.42 1.60
CA ALA A 19 1.84 -5.52 2.10
C ALA A 19 2.46 -6.08 3.38
N ALA A 20 3.48 -5.39 3.88
CA ALA A 20 4.16 -5.82 5.10
C ALA A 20 5.05 -4.71 5.65
N LEU A 21 6.28 -5.04 5.98
CA LEU A 21 7.21 -4.05 6.52
C LEU A 21 7.24 -2.80 5.63
N THR A 22 6.53 -1.77 6.05
CA THR A 22 6.48 -0.53 5.28
C THR A 22 7.85 0.16 5.31
N HIS A 23 8.68 -0.23 6.26
CA HIS A 23 10.01 0.35 6.40
C HIS A 23 10.92 -0.59 7.19
N TYR A 24 11.54 -1.54 6.49
CA TYR A 24 12.44 -2.49 7.13
C TYR A 24 13.62 -1.78 7.77
N LEU A 25 14.59 -2.55 8.24
CA LEU A 25 15.78 -2.00 8.87
C LEU A 25 16.49 -1.05 7.90
N GLY A 1 -14.54 1.65 -10.50
CA GLY A 1 -13.19 1.46 -11.00
C GLY A 1 -12.73 2.65 -11.85
N TRP A 2 -13.22 3.83 -11.51
CA TRP A 2 -12.85 5.03 -12.25
C TRP A 2 -13.37 6.28 -11.53
N GLY A 3 -13.43 6.21 -10.21
CA GLY A 3 -13.91 7.34 -9.43
C GLY A 3 -13.71 7.12 -7.94
N SER A 4 -13.86 5.88 -7.50
CA SER A 4 -13.69 5.56 -6.09
C SER A 4 -12.24 5.72 -5.67
N PHE A 5 -11.99 6.65 -4.75
CA PHE A 5 -10.64 6.90 -4.26
C PHE A 5 -10.14 5.71 -3.44
N PHE A 6 -8.85 5.42 -3.55
CA PHE A 6 -8.26 4.31 -2.82
C PHE A 6 -6.74 4.33 -2.93
N ARG A 7 -6.25 4.31 -4.17
CA ARG A 7 -4.81 4.33 -4.42
C ARG A 7 -4.25 5.73 -4.22
N ARG A 8 -4.72 6.39 -3.16
CA ARG A 8 -4.25 7.75 -2.86
C ARG A 8 -4.61 8.13 -1.42
N ALA A 9 -5.69 7.55 -0.92
CA ALA A 9 -6.14 7.84 0.44
C ALA A 9 -5.04 7.49 1.44
N ALA A 10 -4.74 6.20 1.56
CA ALA A 10 -3.70 5.75 2.48
C ALA A 10 -3.31 4.31 2.19
N HIS A 11 -4.30 3.51 1.77
CA HIS A 11 -4.06 2.10 1.45
C HIS A 11 -3.38 1.97 0.09
N VAL A 12 -2.50 2.91 -0.22
CA VAL A 12 -1.79 2.87 -1.50
C VAL A 12 -1.09 1.53 -1.69
N GLY A 13 -0.23 1.45 -2.69
CA GLY A 13 0.50 0.23 -2.97
C GLY A 13 1.63 0.01 -1.98
N ARG A 14 1.27 -0.14 -0.71
CA ARG A 14 2.27 -0.37 0.34
C ARG A 14 2.98 -1.69 0.13
N HIS A 15 2.49 -2.48 -0.83
CA HIS A 15 3.09 -3.78 -1.11
C HIS A 15 4.53 -3.61 -1.58
N VAL A 16 4.92 -2.37 -1.85
CA VAL A 16 6.28 -2.09 -2.30
C VAL A 16 7.28 -2.38 -1.19
N GLY A 17 6.93 -2.01 0.04
CA GLY A 17 7.81 -2.23 1.18
C GLY A 17 7.48 -1.29 2.33
N ARG A 18 6.47 -0.46 2.14
CA ARG A 18 6.07 0.50 3.18
C ARG A 18 5.34 -0.22 4.31
N ALA A 19 4.65 -1.30 3.98
CA ALA A 19 3.92 -2.07 4.99
C ALA A 19 4.86 -2.55 6.08
N ALA A 20 5.28 -3.81 5.98
CA ALA A 20 6.19 -4.39 6.98
C ALA A 20 6.67 -5.75 6.53
N LEU A 21 6.02 -6.80 7.03
CA LEU A 21 6.41 -8.16 6.66
C LEU A 21 7.92 -8.37 6.80
N THR A 22 8.54 -7.53 7.63
CA THR A 22 9.97 -7.63 7.84
C THR A 22 10.37 -9.06 8.21
N HIS A 23 11.67 -9.30 8.32
CA HIS A 23 12.17 -10.63 8.66
C HIS A 23 13.66 -10.58 8.95
N TYR A 24 14.12 -9.46 9.50
CA TYR A 24 15.53 -9.30 9.84
C TYR A 24 16.40 -9.62 8.62
N LEU A 25 16.82 -10.88 8.50
CA LEU A 25 17.66 -11.29 7.38
C LEU A 25 16.82 -11.40 6.11
N GLY A 1 -10.12 12.75 -9.58
CA GLY A 1 -10.73 12.47 -10.86
C GLY A 1 -11.87 11.47 -10.74
N TRP A 2 -11.53 10.24 -10.35
CA TRP A 2 -12.53 9.19 -10.20
C TRP A 2 -11.94 7.99 -9.47
N GLY A 3 -10.77 7.55 -9.90
CA GLY A 3 -10.12 6.41 -9.29
C GLY A 3 -8.70 6.22 -9.80
N SER A 4 -7.97 7.33 -9.94
CA SER A 4 -6.60 7.26 -10.42
C SER A 4 -5.68 6.69 -9.35
N PHE A 5 -5.96 7.04 -8.09
CA PHE A 5 -5.16 6.56 -6.97
C PHE A 5 -5.23 5.04 -6.87
N PHE A 6 -4.54 4.49 -5.88
CA PHE A 6 -4.53 3.04 -5.68
C PHE A 6 -3.86 2.70 -4.35
N ARG A 7 -2.68 3.25 -4.11
CA ARG A 7 -1.95 2.99 -2.87
C ARG A 7 -2.60 3.76 -1.72
N ARG A 8 -3.73 4.39 -2.00
CA ARG A 8 -4.45 5.17 -0.98
C ARG A 8 -5.96 5.01 -1.15
N ALA A 9 -6.35 4.18 -2.12
CA ALA A 9 -7.76 3.94 -2.39
C ALA A 9 -8.45 3.35 -1.15
N ALA A 10 -7.71 2.53 -0.42
CA ALA A 10 -8.25 1.91 0.78
C ALA A 10 -7.15 1.20 1.57
N HIS A 11 -6.14 1.97 1.98
CA HIS A 11 -5.03 1.40 2.73
C HIS A 11 -4.42 0.21 2.00
N VAL A 12 -4.57 0.21 0.67
CA VAL A 12 -4.03 -0.88 -0.14
C VAL A 12 -2.51 -0.88 -0.08
N GLY A 13 -1.92 0.28 0.16
CA GLY A 13 -0.48 0.39 0.23
C GLY A 13 0.08 -0.28 1.47
N ARG A 14 0.15 0.47 2.56
CA ARG A 14 0.67 -0.08 3.81
C ARG A 14 -0.14 -1.29 4.25
N HIS A 15 -0.06 -1.62 5.53
CA HIS A 15 -0.80 -2.76 6.08
C HIS A 15 -0.53 -4.01 5.25
N VAL A 16 -1.42 -4.31 4.31
CA VAL A 16 -1.26 -5.50 3.46
C VAL A 16 0.14 -5.53 2.86
N GLY A 17 0.59 -4.40 2.33
CA GLY A 17 1.91 -4.32 1.73
C GLY A 17 3.00 -4.25 2.78
N ARG A 18 2.70 -3.59 3.90
CA ARG A 18 3.66 -3.46 4.98
C ARG A 18 4.11 -4.84 5.48
N ALA A 19 3.15 -5.64 5.92
CA ALA A 19 3.45 -6.98 6.40
C ALA A 19 4.01 -7.84 5.29
N ALA A 20 5.33 -7.85 5.15
CA ALA A 20 5.99 -8.64 4.11
C ALA A 20 7.50 -8.65 4.31
N LEU A 21 8.20 -9.38 3.47
CA LEU A 21 9.66 -9.46 3.56
C LEU A 21 10.29 -8.09 3.34
N THR A 22 10.48 -7.35 4.42
CA THR A 22 11.07 -6.02 4.33
C THR A 22 12.55 -6.12 3.97
N HIS A 23 13.07 -5.10 3.29
CA HIS A 23 14.47 -5.08 2.89
C HIS A 23 15.37 -4.77 4.08
N TYR A 24 15.30 -5.59 5.12
CA TYR A 24 16.11 -5.39 6.31
C TYR A 24 15.93 -3.98 6.86
N LEU A 25 16.73 -3.64 7.87
CA LEU A 25 16.64 -2.32 8.49
C LEU A 25 16.63 -1.22 7.42
N GLY A 1 -5.93 1.31 -7.54
CA GLY A 1 -5.75 0.98 -8.93
C GLY A 1 -5.12 2.12 -9.72
N TRP A 2 -5.97 3.04 -10.19
CA TRP A 2 -5.49 4.19 -10.95
C TRP A 2 -6.50 5.32 -10.92
N GLY A 3 -7.78 4.95 -11.05
CA GLY A 3 -8.85 5.94 -11.04
C GLY A 3 -9.08 6.52 -9.66
N SER A 4 -8.84 5.69 -8.63
CA SER A 4 -9.04 6.13 -7.26
C SER A 4 -8.05 7.23 -6.91
N PHE A 5 -8.03 7.61 -5.63
CA PHE A 5 -7.13 8.67 -5.17
C PHE A 5 -7.07 8.68 -3.65
N PHE A 6 -7.90 7.85 -3.02
CA PHE A 6 -7.94 7.77 -1.56
C PHE A 6 -8.67 6.50 -1.13
N ARG A 7 -9.75 6.17 -1.82
CA ARG A 7 -10.52 4.98 -1.50
C ARG A 7 -9.63 3.73 -1.60
N ARG A 8 -8.44 3.91 -2.15
CA ARG A 8 -7.50 2.80 -2.29
C ARG A 8 -6.10 3.33 -2.59
N ALA A 9 -5.83 3.65 -3.86
CA ALA A 9 -4.53 4.17 -4.25
C ALA A 9 -3.40 3.37 -3.61
N ALA A 10 -2.93 3.84 -2.46
CA ALA A 10 -1.84 3.16 -1.75
C ALA A 10 -1.85 3.55 -0.27
N HIS A 11 -2.58 4.62 0.05
CA HIS A 11 -2.66 5.08 1.43
C HIS A 11 -3.34 4.03 2.31
N VAL A 12 -4.43 3.46 1.79
CA VAL A 12 -5.17 2.44 2.52
C VAL A 12 -4.27 1.24 2.82
N GLY A 13 -3.87 1.10 4.09
CA GLY A 13 -3.02 0.00 4.48
C GLY A 13 -1.61 0.14 3.92
N ARG A 14 -1.12 1.38 3.91
CA ARG A 14 0.22 1.64 3.40
C ARG A 14 1.25 0.75 4.09
N HIS A 15 0.89 0.26 5.27
CA HIS A 15 1.79 -0.60 6.03
C HIS A 15 2.09 -1.88 5.25
N VAL A 16 1.08 -2.73 5.08
CA VAL A 16 1.25 -3.97 4.35
C VAL A 16 1.38 -3.70 2.86
N GLY A 17 0.59 -2.76 2.36
CA GLY A 17 0.62 -2.42 0.94
C GLY A 17 2.04 -2.20 0.44
N ARG A 18 2.72 -1.20 1.01
CA ARG A 18 4.09 -0.90 0.61
C ARG A 18 5.02 -2.04 1.01
N ALA A 19 5.02 -2.38 2.29
CA ALA A 19 5.88 -3.45 2.78
C ALA A 19 5.54 -4.76 2.08
N ALA A 20 5.92 -5.88 2.70
CA ALA A 20 5.65 -7.19 2.13
C ALA A 20 5.90 -8.28 3.16
N LEU A 21 5.71 -9.54 2.75
CA LEU A 21 5.91 -10.66 3.65
C LEU A 21 7.41 -10.92 3.86
N THR A 22 8.22 -9.92 3.55
CA THR A 22 9.66 -10.03 3.71
C THR A 22 10.33 -8.67 3.57
N HIS A 23 11.28 -8.37 4.46
CA HIS A 23 11.98 -7.10 4.42
C HIS A 23 13.28 -7.18 5.23
N TYR A 24 14.35 -6.66 4.65
CA TYR A 24 15.65 -6.68 5.31
C TYR A 24 15.60 -5.90 6.62
N LEU A 25 16.59 -6.11 7.48
CA LEU A 25 16.64 -5.42 8.77
C LEU A 25 16.77 -3.91 8.55
N GLY A 1 -9.53 10.37 -13.42
CA GLY A 1 -10.51 9.32 -13.27
C GLY A 1 -11.93 9.86 -13.27
N TRP A 2 -12.90 8.96 -13.38
CA TRP A 2 -14.31 9.36 -13.39
C TRP A 2 -14.78 9.73 -11.99
N GLY A 3 -13.91 10.41 -11.25
CA GLY A 3 -14.24 10.83 -9.89
C GLY A 3 -14.15 9.68 -8.91
N SER A 4 -13.77 8.49 -9.41
CA SER A 4 -13.64 7.32 -8.56
C SER A 4 -12.45 7.46 -7.62
N PHE A 5 -11.88 6.32 -7.22
CA PHE A 5 -10.73 6.33 -6.32
C PHE A 5 -10.03 4.98 -6.32
N PHE A 6 -8.82 4.96 -6.87
CA PHE A 6 -8.04 3.72 -6.95
C PHE A 6 -7.34 3.47 -5.61
N ARG A 7 -6.05 3.13 -5.68
CA ARG A 7 -5.27 2.86 -4.47
C ARG A 7 -5.13 4.12 -3.64
N ARG A 8 -5.73 5.21 -4.13
CA ARG A 8 -5.67 6.49 -3.42
C ARG A 8 -6.45 6.41 -2.11
N ALA A 9 -7.34 5.43 -2.01
CA ALA A 9 -8.15 5.25 -0.80
C ALA A 9 -8.77 3.86 -0.78
N ALA A 10 -7.93 2.84 -0.78
CA ALA A 10 -8.40 1.46 -0.75
C ALA A 10 -7.24 0.50 -0.55
N HIS A 11 -6.03 1.05 -0.47
CA HIS A 11 -4.84 0.24 -0.27
C HIS A 11 -3.64 1.12 0.05
N VAL A 12 -3.62 2.32 -0.53
CA VAL A 12 -2.53 3.25 -0.30
C VAL A 12 -1.18 2.62 -0.66
N GLY A 13 -0.63 1.84 0.27
CA GLY A 13 0.63 1.18 0.04
C GLY A 13 1.14 0.48 1.29
N ARG A 14 0.28 0.35 2.28
CA ARG A 14 0.65 -0.31 3.53
C ARG A 14 0.74 -1.82 3.32
N HIS A 15 0.50 -2.58 4.39
CA HIS A 15 0.55 -4.03 4.31
C HIS A 15 1.89 -4.49 3.73
N VAL A 16 1.89 -4.79 2.43
CA VAL A 16 3.11 -5.24 1.76
C VAL A 16 4.23 -4.22 1.94
N GLY A 17 3.92 -2.95 1.70
CA GLY A 17 4.92 -1.90 1.84
C GLY A 17 5.71 -2.02 3.12
N ARG A 18 5.02 -1.96 4.25
CA ARG A 18 5.68 -2.08 5.55
C ARG A 18 6.21 -3.50 5.75
N ALA A 19 5.74 -4.43 4.92
CA ALA A 19 6.17 -5.81 5.03
C ALA A 19 6.00 -6.33 6.45
N ALA A 20 7.03 -6.15 7.27
CA ALA A 20 6.98 -6.58 8.66
C ALA A 20 8.17 -6.02 9.44
N LEU A 21 9.31 -6.71 9.36
CA LEU A 21 10.51 -6.27 10.06
C LEU A 21 11.74 -6.99 9.49
N THR A 22 11.53 -7.74 8.42
CA THR A 22 12.64 -8.46 7.79
C THR A 22 13.56 -7.50 7.05
N HIS A 23 14.85 -7.53 7.40
CA HIS A 23 15.84 -6.65 6.77
C HIS A 23 17.20 -7.33 6.72
N TYR A 24 17.48 -8.03 5.63
CA TYR A 24 18.75 -8.72 5.47
C TYR A 24 18.96 -9.73 6.60
N LEU A 25 19.07 -11.01 6.24
CA LEU A 25 19.27 -12.05 7.22
C LEU A 25 20.52 -11.76 8.06
N GLY A 1 -3.72 7.13 -11.68
CA GLY A 1 -4.70 7.76 -12.55
C GLY A 1 -5.68 6.77 -13.11
N TRP A 2 -5.74 5.58 -12.50
CA TRP A 2 -6.65 4.54 -12.96
C TRP A 2 -6.68 3.38 -11.96
N GLY A 3 -5.71 3.37 -11.04
CA GLY A 3 -5.64 2.32 -10.05
C GLY A 3 -4.42 2.47 -9.15
N SER A 4 -3.42 3.19 -9.66
CA SER A 4 -2.19 3.40 -8.89
C SER A 4 -2.49 4.15 -7.60
N PHE A 5 -1.61 4.01 -6.62
CA PHE A 5 -1.79 4.68 -5.34
C PHE A 5 -1.78 6.19 -5.53
N PHE A 6 -2.76 6.87 -4.92
CA PHE A 6 -2.86 8.32 -5.05
C PHE A 6 -3.78 8.88 -3.96
N ARG A 7 -4.99 8.33 -3.87
CA ARG A 7 -5.95 8.79 -2.88
C ARG A 7 -5.48 8.44 -1.48
N ARG A 8 -5.33 7.14 -1.21
CA ARG A 8 -4.89 6.69 0.10
C ARG A 8 -5.75 7.31 1.20
N ALA A 9 -6.98 6.83 1.32
CA ALA A 9 -7.90 7.35 2.34
C ALA A 9 -9.10 6.41 2.50
N ALA A 10 -9.50 5.78 1.40
CA ALA A 10 -10.63 4.85 1.43
C ALA A 10 -10.24 3.55 2.11
N HIS A 11 -9.34 2.81 1.48
CA HIS A 11 -8.87 1.53 2.03
C HIS A 11 -7.50 1.19 1.47
N VAL A 12 -7.14 1.81 0.35
CA VAL A 12 -5.84 1.57 -0.27
C VAL A 12 -4.71 2.06 0.63
N GLY A 13 -4.26 1.19 1.53
CA GLY A 13 -3.18 1.54 2.44
C GLY A 13 -2.66 0.34 3.19
N ARG A 14 -3.48 -0.19 4.09
CA ARG A 14 -3.08 -1.35 4.89
C ARG A 14 -2.93 -2.58 4.00
N HIS A 15 -1.80 -2.67 3.31
CA HIS A 15 -1.55 -3.80 2.42
C HIS A 15 -1.44 -5.08 3.23
N VAL A 16 -2.59 -5.70 3.53
CA VAL A 16 -2.60 -6.93 4.29
C VAL A 16 -1.90 -6.74 5.63
N GLY A 17 -2.54 -5.97 6.52
CA GLY A 17 -1.97 -5.72 7.83
C GLY A 17 -0.65 -4.98 7.74
N ARG A 18 -0.61 -3.97 6.86
CA ARG A 18 0.61 -3.18 6.69
C ARG A 18 1.79 -4.08 6.38
N ALA A 19 1.72 -4.77 5.25
CA ALA A 19 2.81 -5.67 4.85
C ALA A 19 4.08 -4.88 4.58
N ALA A 20 5.21 -5.45 4.98
CA ALA A 20 6.50 -4.80 4.78
C ALA A 20 7.64 -5.78 5.01
N LEU A 21 7.29 -7.05 5.20
CA LEU A 21 8.30 -8.08 5.44
C LEU A 21 9.09 -8.35 4.16
N THR A 22 9.95 -7.39 3.80
CA THR A 22 10.78 -7.52 2.60
C THR A 22 12.06 -6.71 2.75
N HIS A 23 13.17 -7.40 3.00
CA HIS A 23 14.45 -6.74 3.16
C HIS A 23 14.77 -5.86 1.97
N TYR A 24 15.99 -5.34 1.92
CA TYR A 24 16.42 -4.47 0.83
C TYR A 24 17.94 -4.33 0.83
N LEU A 25 18.57 -4.78 1.91
CA LEU A 25 20.02 -4.69 2.02
C LEU A 25 20.69 -5.59 0.98
N GLY A 1 -17.51 3.41 -4.11
CA GLY A 1 -16.57 2.42 -3.61
C GLY A 1 -16.48 1.21 -4.52
N TRP A 2 -15.25 0.84 -4.86
CA TRP A 2 -15.03 -0.31 -5.75
C TRP A 2 -13.58 -0.78 -5.64
N GLY A 3 -12.67 0.15 -5.35
CA GLY A 3 -11.26 -0.17 -5.25
C GLY A 3 -10.43 1.04 -4.88
N SER A 4 -10.78 1.68 -3.76
CA SER A 4 -10.05 2.86 -3.30
C SER A 4 -10.05 3.93 -4.39
N PHE A 5 -9.29 5.00 -4.15
CA PHE A 5 -9.22 6.10 -5.11
C PHE A 5 -8.53 5.64 -6.39
N PHE A 6 -7.20 5.61 -6.37
CA PHE A 6 -6.43 5.19 -7.54
C PHE A 6 -5.04 4.73 -7.12
N ARG A 7 -4.98 3.91 -6.09
CA ARG A 7 -3.70 3.40 -5.60
C ARG A 7 -2.74 4.54 -5.33
N ARG A 8 -3.20 5.55 -4.60
CA ARG A 8 -2.37 6.70 -4.28
C ARG A 8 -3.04 7.56 -3.21
N ALA A 9 -3.31 6.96 -2.05
CA ALA A 9 -3.96 7.67 -0.95
C ALA A 9 -3.99 6.79 0.29
N ALA A 10 -4.83 5.77 0.27
CA ALA A 10 -4.96 4.86 1.41
C ALA A 10 -3.59 4.33 1.83
N HIS A 11 -3.27 3.13 1.36
CA HIS A 11 -1.99 2.51 1.70
C HIS A 11 -0.85 3.19 0.93
N VAL A 12 -1.21 4.02 -0.04
CA VAL A 12 -0.23 4.73 -0.85
C VAL A 12 0.71 3.76 -1.54
N GLY A 13 1.67 3.22 -0.81
CA GLY A 13 2.62 2.28 -1.37
C GLY A 13 3.70 1.89 -0.37
N ARG A 14 3.29 1.61 0.86
CA ARG A 14 4.24 1.23 1.90
C ARG A 14 5.01 -0.02 1.47
N HIS A 15 4.54 -0.66 0.41
CA HIS A 15 5.20 -1.86 -0.09
C HIS A 15 6.57 -1.51 -0.68
N VAL A 16 6.56 -0.85 -1.83
CA VAL A 16 7.80 -0.46 -2.48
C VAL A 16 8.47 0.67 -1.70
N GLY A 17 7.69 1.38 -0.91
CA GLY A 17 8.22 2.47 -0.11
C GLY A 17 9.06 1.99 1.04
N ARG A 18 8.51 1.06 1.83
CA ARG A 18 9.22 0.52 2.99
C ARG A 18 8.82 -0.95 3.20
N ALA A 19 9.26 -1.80 2.30
CA ALA A 19 8.94 -3.23 2.39
C ALA A 19 9.30 -3.77 3.78
N ALA A 20 10.21 -3.07 4.46
CA ALA A 20 10.64 -3.49 5.78
C ALA A 20 11.12 -4.94 5.75
N LEU A 21 11.07 -5.62 6.89
CA LEU A 21 11.50 -7.01 6.98
C LEU A 21 10.44 -7.92 6.36
N THR A 22 9.81 -7.44 5.28
CA THR A 22 8.79 -8.22 4.59
C THR A 22 7.71 -8.67 5.57
N HIS A 23 6.96 -7.72 6.11
CA HIS A 23 5.89 -8.04 7.05
C HIS A 23 4.70 -8.63 6.31
N TYR A 24 4.54 -9.95 6.39
CA TYR A 24 3.44 -10.63 5.72
C TYR A 24 2.10 -10.29 6.39
N LEU A 25 1.20 -9.70 5.62
CA LEU A 25 -0.11 -9.34 6.15
C LEU A 25 -1.00 -10.58 6.30
N GLY A 1 -15.62 5.67 -5.38
CA GLY A 1 -15.10 4.31 -5.35
C GLY A 1 -15.15 3.67 -6.72
N TRP A 2 -14.71 4.40 -7.74
CA TRP A 2 -14.71 3.87 -9.10
C TRP A 2 -13.95 4.82 -10.04
N GLY A 3 -13.88 6.09 -9.66
CA GLY A 3 -13.19 7.07 -10.47
C GLY A 3 -11.69 6.81 -10.52
N SER A 4 -11.20 6.05 -9.54
CA SER A 4 -9.77 5.74 -9.49
C SER A 4 -8.94 7.01 -9.55
N PHE A 5 -8.69 7.61 -8.38
CA PHE A 5 -7.91 8.83 -8.32
C PHE A 5 -6.44 8.55 -8.64
N PHE A 6 -5.68 8.17 -7.62
CA PHE A 6 -4.25 7.88 -7.81
C PHE A 6 -3.76 6.96 -6.68
N ARG A 7 -2.47 7.08 -6.36
CA ARG A 7 -1.89 6.26 -5.29
C ARG A 7 -2.26 6.83 -3.93
N ARG A 8 -3.54 7.08 -3.73
CA ARG A 8 -4.02 7.63 -2.46
C ARG A 8 -5.54 7.55 -2.39
N ALA A 9 -6.05 6.33 -2.23
CA ALA A 9 -7.50 6.13 -2.14
C ALA A 9 -7.81 4.69 -1.75
N ALA A 10 -7.93 3.82 -2.74
CA ALA A 10 -8.22 2.42 -2.48
C ALA A 10 -7.01 1.73 -1.87
N HIS A 11 -5.84 1.99 -2.44
CA HIS A 11 -4.60 1.39 -1.95
C HIS A 11 -4.23 1.99 -0.60
N VAL A 12 -4.66 3.23 -0.37
CA VAL A 12 -4.37 3.92 0.89
C VAL A 12 -2.86 3.97 1.14
N GLY A 13 -2.31 2.88 1.65
CA GLY A 13 -0.89 2.81 1.93
C GLY A 13 -0.52 1.53 2.63
N ARG A 14 -1.33 0.49 2.42
CA ARG A 14 -1.08 -0.82 3.03
C ARG A 14 -0.17 -1.67 2.16
N HIS A 15 -0.40 -2.98 2.18
CA HIS A 15 0.40 -3.90 1.37
C HIS A 15 1.89 -3.74 1.67
N VAL A 16 2.62 -3.10 0.75
CA VAL A 16 4.04 -2.89 0.93
C VAL A 16 4.31 -1.95 2.11
N GLY A 17 3.42 -0.99 2.31
CA GLY A 17 3.57 -0.04 3.41
C GLY A 17 3.88 -0.73 4.72
N ARG A 18 2.96 -1.57 5.18
CA ARG A 18 3.16 -2.29 6.43
C ARG A 18 4.14 -3.43 6.24
N ALA A 19 3.77 -4.40 5.41
CA ALA A 19 4.63 -5.55 5.15
C ALA A 19 5.97 -5.09 4.60
N ALA A 20 6.88 -6.03 4.37
CA ALA A 20 8.19 -5.70 3.83
C ALA A 20 8.94 -6.97 3.41
N LEU A 21 8.65 -8.08 4.09
CA LEU A 21 9.29 -9.34 3.77
C LEU A 21 10.81 -9.16 3.75
N THR A 22 11.43 -9.20 4.93
CA THR A 22 12.87 -9.03 5.04
C THR A 22 13.37 -9.57 6.38
N HIS A 23 14.23 -10.59 6.32
CA HIS A 23 14.77 -11.19 7.53
C HIS A 23 15.80 -10.26 8.17
N TYR A 24 15.49 -9.79 9.38
CA TYR A 24 16.39 -8.90 10.08
C TYR A 24 17.68 -9.63 10.48
N LEU A 25 18.67 -8.88 10.95
CA LEU A 25 19.94 -9.46 11.36
C LEU A 25 20.74 -8.46 12.19
N GLY A 1 -11.10 1.76 -13.25
CA GLY A 1 -12.15 2.69 -12.89
C GLY A 1 -11.89 4.08 -13.42
N TRP A 2 -11.25 4.92 -12.60
CA TRP A 2 -10.94 6.28 -13.00
C TRP A 2 -10.00 6.93 -11.99
N GLY A 3 -8.95 6.21 -11.61
CA GLY A 3 -7.99 6.73 -10.66
C GLY A 3 -8.67 7.28 -9.42
N SER A 4 -9.45 6.44 -8.75
CA SER A 4 -10.16 6.85 -7.55
C SER A 4 -9.20 7.02 -6.38
N PHE A 5 -8.75 8.26 -6.17
CA PHE A 5 -7.82 8.55 -5.08
C PHE A 5 -6.65 7.56 -5.08
N PHE A 6 -5.89 7.57 -3.99
CA PHE A 6 -4.75 6.66 -3.87
C PHE A 6 -4.26 6.61 -2.42
N ARG A 7 -4.67 7.59 -1.63
CA ARG A 7 -4.26 7.65 -0.23
C ARG A 7 -5.04 6.63 0.60
N ARG A 8 -6.16 6.15 0.04
CA ARG A 8 -7.01 5.17 0.72
C ARG A 8 -7.40 4.05 -0.24
N ALA A 9 -6.40 3.54 -0.97
CA ALA A 9 -6.65 2.46 -1.91
C ALA A 9 -5.32 1.85 -2.37
N ALA A 10 -4.65 2.53 -3.31
CA ALA A 10 -3.37 2.04 -3.81
C ALA A 10 -2.25 2.38 -2.84
N HIS A 11 -2.51 2.17 -1.54
CA HIS A 11 -1.50 2.45 -0.52
C HIS A 11 -1.91 1.80 0.80
N VAL A 12 -3.09 2.14 1.29
CA VAL A 12 -3.57 1.59 2.55
C VAL A 12 -3.47 0.07 2.55
N GLY A 13 -3.37 -0.50 3.75
CA GLY A 13 -3.26 -1.95 3.88
C GLY A 13 -1.86 -2.45 3.60
N ARG A 14 -1.21 -1.85 2.61
CA ARG A 14 0.15 -2.26 2.25
C ARG A 14 1.16 -1.74 3.26
N HIS A 15 0.84 -0.63 3.91
CA HIS A 15 1.73 -0.04 4.90
C HIS A 15 1.67 -0.82 6.21
N VAL A 16 1.45 -2.13 6.11
CA VAL A 16 1.38 -2.97 7.30
C VAL A 16 1.29 -4.44 6.90
N GLY A 17 0.62 -4.70 5.77
CA GLY A 17 0.48 -6.07 5.29
C GLY A 17 1.76 -6.61 4.71
N ARG A 18 2.46 -5.77 3.95
CA ARG A 18 3.71 -6.18 3.33
C ARG A 18 4.46 -4.99 2.76
N ALA A 19 5.08 -4.21 3.65
CA ALA A 19 5.83 -3.03 3.22
C ALA A 19 7.05 -3.43 2.40
N ALA A 20 7.14 -2.90 1.19
CA ALA A 20 8.27 -3.20 0.32
C ALA A 20 9.52 -2.48 0.80
N LEU A 21 9.35 -1.59 1.77
CA LEU A 21 10.47 -0.84 2.32
C LEU A 21 11.44 -1.78 3.04
N THR A 22 10.88 -2.68 3.85
CA THR A 22 11.69 -3.64 4.59
C THR A 22 10.84 -4.82 5.04
N HIS A 23 11.49 -5.90 5.44
CA HIS A 23 10.78 -7.09 5.89
C HIS A 23 11.75 -8.09 6.54
N TYR A 24 11.49 -9.38 6.33
CA TYR A 24 12.35 -10.41 6.90
C TYR A 24 13.80 -10.17 6.52
N LEU A 25 14.70 -10.98 7.07
CA LEU A 25 16.12 -10.84 6.79
C LEU A 25 16.41 -11.25 5.35
N GLY A 1 -12.51 13.53 -6.68
CA GLY A 1 -11.90 12.37 -7.31
C GLY A 1 -11.11 12.75 -8.54
N TRP A 2 -9.80 12.58 -8.49
CA TRP A 2 -8.93 12.91 -9.62
C TRP A 2 -8.93 11.77 -10.63
N GLY A 3 -8.99 10.54 -10.14
CA GLY A 3 -9.00 9.38 -11.00
C GLY A 3 -8.67 8.12 -10.24
N SER A 4 -8.67 8.21 -8.91
CA SER A 4 -8.36 7.06 -8.07
C SER A 4 -7.02 6.45 -8.46
N PHE A 5 -6.63 5.38 -7.77
CA PHE A 5 -5.36 4.72 -8.04
C PHE A 5 -5.43 3.26 -7.62
N PHE A 6 -4.33 2.73 -7.08
CA PHE A 6 -4.27 1.34 -6.64
C PHE A 6 -3.17 1.15 -5.60
N ARG A 7 -2.20 2.05 -5.62
CA ARG A 7 -1.08 1.98 -4.68
C ARG A 7 -1.55 2.25 -3.26
N ARG A 8 -2.69 2.93 -3.14
CA ARG A 8 -3.24 3.24 -1.82
C ARG A 8 -4.66 3.78 -1.95
N ALA A 9 -5.37 3.32 -2.98
CA ALA A 9 -6.75 3.75 -3.20
C ALA A 9 -7.63 3.36 -2.01
N ALA A 10 -7.96 4.34 -1.18
CA ALA A 10 -8.79 4.09 -0.01
C ALA A 10 -8.21 2.96 0.83
N HIS A 11 -6.89 3.00 1.03
CA HIS A 11 -6.21 1.97 1.82
C HIS A 11 -6.55 0.58 1.29
N VAL A 12 -5.93 0.20 0.17
CA VAL A 12 -6.18 -1.10 -0.42
C VAL A 12 -5.76 -2.22 0.54
N GLY A 13 -4.67 -1.99 1.26
CA GLY A 13 -4.18 -2.97 2.21
C GLY A 13 -2.78 -2.65 2.69
N ARG A 14 -2.69 -1.93 3.81
CA ARG A 14 -1.41 -1.55 4.37
C ARG A 14 -0.71 -2.77 4.99
N HIS A 15 -1.51 -3.79 5.32
CA HIS A 15 -0.97 -5.00 5.91
C HIS A 15 0.11 -5.60 5.02
N VAL A 16 -0.32 -6.36 4.01
CA VAL A 16 0.62 -6.99 3.09
C VAL A 16 1.37 -5.93 2.28
N GLY A 17 0.77 -4.76 2.14
CA GLY A 17 1.39 -3.68 1.40
C GLY A 17 2.79 -3.38 1.87
N ARG A 18 2.89 -2.82 3.08
CA ARG A 18 4.20 -2.49 3.66
C ARG A 18 4.84 -3.72 4.27
N ALA A 19 4.02 -4.61 4.82
CA ALA A 19 4.53 -5.83 5.45
C ALA A 19 5.62 -5.50 6.46
N ALA A 20 6.65 -6.34 6.52
CA ALA A 20 7.75 -6.12 7.46
C ALA A 20 9.00 -6.88 6.99
N LEU A 21 8.84 -8.19 6.77
CA LEU A 21 9.96 -9.00 6.32
C LEU A 21 10.31 -8.69 4.87
N THR A 22 10.91 -7.52 4.64
CA THR A 22 11.28 -7.11 3.30
C THR A 22 12.25 -5.93 3.35
N HIS A 23 11.90 -4.91 4.13
CA HIS A 23 12.74 -3.73 4.26
C HIS A 23 14.10 -4.10 4.85
N TYR A 24 15.03 -4.50 3.99
CA TYR A 24 16.37 -4.88 4.45
C TYR A 24 17.04 -3.71 5.15
N LEU A 25 17.71 -4.00 6.26
CA LEU A 25 18.41 -2.96 7.01
C LEU A 25 17.39 -1.99 7.63
N GLY A 1 -3.25 1.46 -10.77
CA GLY A 1 -4.27 0.92 -9.90
C GLY A 1 -5.51 0.50 -10.67
N TRP A 2 -6.58 0.22 -9.95
CA TRP A 2 -7.83 -0.20 -10.57
C TRP A 2 -8.97 -0.20 -9.55
N GLY A 3 -8.68 0.30 -8.36
CA GLY A 3 -9.67 0.35 -7.30
C GLY A 3 -9.12 1.00 -6.04
N SER A 4 -7.89 0.61 -5.67
CA SER A 4 -7.26 1.16 -4.48
C SER A 4 -6.91 2.63 -4.71
N PHE A 5 -6.05 2.89 -5.68
CA PHE A 5 -5.64 4.25 -5.99
C PHE A 5 -6.86 5.10 -6.34
N PHE A 6 -7.40 5.79 -5.34
CA PHE A 6 -8.57 6.64 -5.54
C PHE A 6 -8.82 7.50 -4.31
N ARG A 7 -8.60 6.92 -3.14
CA ARG A 7 -8.80 7.64 -1.89
C ARG A 7 -7.87 8.85 -1.82
N ARG A 8 -6.57 8.60 -1.83
CA ARG A 8 -5.59 9.67 -1.77
C ARG A 8 -5.91 10.63 -0.63
N ALA A 9 -6.43 10.09 0.46
CA ALA A 9 -6.78 10.90 1.62
C ALA A 9 -7.01 10.02 2.85
N ALA A 10 -6.43 8.82 2.81
CA ALA A 10 -6.57 7.88 3.93
C ALA A 10 -5.61 6.71 3.76
N HIS A 11 -6.04 5.53 4.19
CA HIS A 11 -5.20 4.34 4.08
C HIS A 11 -5.14 3.86 2.63
N VAL A 12 -4.52 4.65 1.77
CA VAL A 12 -4.40 4.29 0.36
C VAL A 12 -3.86 2.87 0.21
N GLY A 13 -2.58 2.69 0.54
CA GLY A 13 -1.96 1.38 0.43
C GLY A 13 -0.46 1.46 0.54
N ARG A 14 0.04 2.48 1.23
CA ARG A 14 1.48 2.65 1.41
C ARG A 14 2.03 1.60 2.36
N HIS A 15 1.15 1.02 3.17
CA HIS A 15 1.56 0.00 4.13
C HIS A 15 1.96 -1.29 3.41
N VAL A 16 1.02 -1.82 2.62
CA VAL A 16 1.29 -3.06 1.88
C VAL A 16 2.15 -2.77 0.65
N GLY A 17 1.84 -1.69 -0.04
CA GLY A 17 2.58 -1.32 -1.23
C GLY A 17 4.07 -1.23 -0.96
N ARG A 18 4.43 -0.59 0.14
CA ARG A 18 5.84 -0.44 0.51
C ARG A 18 6.41 -1.77 0.97
N ALA A 19 5.94 -2.25 2.12
CA ALA A 19 6.41 -3.52 2.67
C ALA A 19 6.22 -4.65 1.65
N ALA A 20 6.49 -5.88 2.08
CA ALA A 20 6.34 -7.04 1.22
C ALA A 20 6.43 -8.32 2.03
N LEU A 21 6.35 -9.46 1.33
CA LEU A 21 6.41 -10.76 2.00
C LEU A 21 7.85 -11.06 2.46
N THR A 22 8.82 -10.50 1.74
CA THR A 22 10.22 -10.72 2.07
C THR A 22 10.51 -10.23 3.49
N HIS A 23 11.23 -11.04 4.25
CA HIS A 23 11.58 -10.67 5.63
C HIS A 23 12.59 -9.54 5.63
N TYR A 24 12.70 -8.85 6.77
CA TYR A 24 13.63 -7.74 6.88
C TYR A 24 13.72 -7.26 8.33
N LEU A 25 14.72 -7.75 9.06
CA LEU A 25 14.91 -7.36 10.46
C LEU A 25 15.47 -5.95 10.54
N GLY A 1 -4.97 -3.90 -9.01
CA GLY A 1 -5.60 -3.19 -7.91
C GLY A 1 -6.95 -2.63 -8.31
N TRP A 2 -7.70 -2.13 -7.32
CA TRP A 2 -9.01 -1.56 -7.58
C TRP A 2 -9.53 -0.82 -6.35
N GLY A 3 -9.59 -1.52 -5.23
CA GLY A 3 -10.07 -0.92 -4.00
C GLY A 3 -9.12 0.16 -3.50
N SER A 4 -7.86 0.07 -3.92
CA SER A 4 -6.86 1.05 -3.51
C SER A 4 -7.23 2.43 -4.02
N PHE A 5 -7.34 2.56 -5.34
CA PHE A 5 -7.69 3.84 -5.95
C PHE A 5 -9.00 4.38 -5.37
N PHE A 6 -8.94 5.59 -4.83
CA PHE A 6 -10.12 6.22 -4.25
C PHE A 6 -9.85 7.67 -3.89
N ARG A 7 -8.63 7.93 -3.41
CA ARG A 7 -8.25 9.30 -3.03
C ARG A 7 -6.75 9.38 -2.86
N ARG A 8 -6.07 8.23 -2.90
CA ARG A 8 -4.62 8.20 -2.74
C ARG A 8 -4.23 8.66 -1.34
N ALA A 9 -5.23 9.04 -0.55
CA ALA A 9 -4.98 9.50 0.81
C ALA A 9 -4.64 8.33 1.73
N ALA A 10 -3.35 8.18 2.02
CA ALA A 10 -2.89 7.09 2.88
C ALA A 10 -3.25 5.73 2.30
N HIS A 11 -3.88 5.75 1.12
CA HIS A 11 -4.28 4.51 0.46
C HIS A 11 -3.08 3.85 -0.21
N VAL A 12 -2.65 4.41 -1.33
CA VAL A 12 -1.50 3.87 -2.05
C VAL A 12 -0.27 3.84 -1.17
N GLY A 13 -0.25 4.72 -0.17
CA GLY A 13 0.87 4.79 0.75
C GLY A 13 1.04 3.51 1.54
N ARG A 14 -0.04 3.07 2.19
CA ARG A 14 -0.01 1.84 2.97
C ARG A 14 0.03 0.62 2.07
N HIS A 15 1.20 0.33 1.49
CA HIS A 15 1.34 -0.82 0.62
C HIS A 15 2.81 -1.15 0.42
N VAL A 16 3.49 -0.36 -0.42
CA VAL A 16 4.91 -0.58 -0.68
C VAL A 16 5.73 -0.35 0.59
N GLY A 17 5.39 0.72 1.31
CA GLY A 17 6.08 1.05 2.54
C GLY A 17 5.72 0.11 3.67
N ARG A 18 4.43 -0.13 3.83
CA ARG A 18 3.94 -1.03 4.87
C ARG A 18 4.54 -2.43 4.68
N ALA A 19 5.06 -2.68 3.49
CA ALA A 19 5.66 -3.98 3.17
C ALA A 19 6.57 -3.88 1.97
N ALA A 20 7.84 -3.57 2.20
CA ALA A 20 8.80 -3.44 1.13
C ALA A 20 9.02 -4.78 0.43
N LEU A 21 10.23 -4.98 -0.08
CA LEU A 21 10.56 -6.23 -0.78
C LEU A 21 10.67 -7.37 0.23
N THR A 22 9.54 -7.81 0.75
CA THR A 22 9.52 -8.90 1.72
C THR A 22 10.33 -8.55 2.95
N HIS A 23 9.71 -8.68 4.13
CA HIS A 23 10.39 -8.37 5.38
C HIS A 23 9.61 -8.93 6.56
N TYR A 24 9.58 -10.26 6.67
CA TYR A 24 8.86 -10.93 7.75
C TYR A 24 7.39 -10.51 7.74
N LEU A 25 6.52 -11.47 7.42
CA LEU A 25 5.08 -11.21 7.37
C LEU A 25 4.62 -10.57 8.69
N GLY A 1 -5.96 6.90 -9.69
CA GLY A 1 -6.15 6.01 -10.81
C GLY A 1 -7.60 5.92 -11.24
N TRP A 2 -8.38 5.14 -10.51
CA TRP A 2 -9.80 4.97 -10.83
C TRP A 2 -10.50 4.20 -9.72
N GLY A 3 -9.72 3.67 -8.77
CA GLY A 3 -10.29 2.91 -7.68
C GLY A 3 -9.21 2.40 -6.74
N SER A 4 -7.97 2.84 -6.98
CA SER A 4 -6.85 2.41 -6.14
C SER A 4 -5.64 3.33 -6.38
N PHE A 5 -4.59 3.11 -5.61
CA PHE A 5 -3.38 3.91 -5.74
C PHE A 5 -3.72 5.40 -5.68
N PHE A 6 -4.89 5.71 -5.12
CA PHE A 6 -5.33 7.10 -5.01
C PHE A 6 -6.49 7.21 -4.02
N ARG A 7 -7.08 6.07 -3.68
CA ARG A 7 -8.19 6.05 -2.73
C ARG A 7 -7.72 6.46 -1.34
N ARG A 8 -6.46 6.16 -1.05
CA ARG A 8 -5.88 6.50 0.25
C ARG A 8 -4.36 6.39 0.21
N ALA A 9 -3.86 5.62 -0.75
CA ALA A 9 -2.42 5.43 -0.90
C ALA A 9 -1.77 5.04 0.43
N ALA A 10 -2.42 4.13 1.14
CA ALA A 10 -1.89 3.66 2.42
C ALA A 10 -2.68 2.45 2.91
N HIS A 11 -3.24 1.70 1.98
CA HIS A 11 -4.02 0.51 2.33
C HIS A 11 -4.18 -0.40 1.11
N VAL A 12 -4.62 0.18 0.00
CA VAL A 12 -4.80 -0.58 -1.23
C VAL A 12 -3.47 -0.85 -1.91
N GLY A 13 -2.50 -1.31 -1.13
CA GLY A 13 -1.18 -1.61 -1.67
C GLY A 13 -0.25 -2.18 -0.62
N ARG A 14 -0.68 -2.13 0.64
CA ARG A 14 0.13 -2.65 1.73
C ARG A 14 1.54 -2.06 1.69
N HIS A 15 1.70 -0.97 0.95
CA HIS A 15 3.00 -0.31 0.84
C HIS A 15 3.58 -0.05 2.23
N VAL A 16 3.41 1.19 2.71
CA VAL A 16 3.91 1.56 4.02
C VAL A 16 3.05 0.94 5.12
N GLY A 17 1.93 0.35 4.71
CA GLY A 17 1.02 -0.27 5.66
C GLY A 17 1.69 -1.36 6.46
N ARG A 18 2.25 -2.36 5.77
CA ARG A 18 2.94 -3.45 6.44
C ARG A 18 3.82 -4.22 5.45
N ALA A 19 3.52 -4.09 4.16
CA ALA A 19 4.30 -4.77 3.14
C ALA A 19 4.38 -6.27 3.43
N ALA A 20 5.12 -6.99 2.60
CA ALA A 20 5.27 -8.44 2.78
C ALA A 20 5.95 -8.74 4.11
N LEU A 21 5.16 -8.79 5.18
CA LEU A 21 5.69 -9.08 6.50
C LEU A 21 6.88 -8.18 6.81
N THR A 22 6.62 -6.87 6.89
CA THR A 22 7.68 -5.91 7.19
C THR A 22 8.85 -6.10 6.23
N HIS A 23 10.02 -5.57 6.61
CA HIS A 23 11.20 -5.68 5.77
C HIS A 23 10.94 -5.08 4.39
N TYR A 24 11.52 -3.92 4.14
CA TYR A 24 11.35 -3.25 2.86
C TYR A 24 11.91 -4.10 1.72
N LEU A 25 13.23 -4.04 1.55
CA LEU A 25 13.88 -4.80 0.48
C LEU A 25 13.45 -6.27 0.54
N GLY A 1 -17.48 2.10 -4.31
CA GLY A 1 -16.80 3.32 -4.71
C GLY A 1 -17.32 3.85 -6.03
N TRP A 2 -16.65 4.89 -6.55
CA TRP A 2 -17.06 5.49 -7.82
C TRP A 2 -15.88 6.24 -8.45
N GLY A 3 -14.69 6.05 -7.88
CA GLY A 3 -13.50 6.71 -8.39
C GLY A 3 -12.28 6.40 -7.57
N SER A 4 -12.45 6.40 -6.24
CA SER A 4 -11.35 6.11 -5.34
C SER A 4 -10.20 7.11 -5.56
N PHE A 5 -9.13 6.96 -4.78
CA PHE A 5 -7.98 7.84 -4.90
C PHE A 5 -7.24 7.58 -6.20
N PHE A 6 -6.16 6.80 -6.12
CA PHE A 6 -5.36 6.47 -7.30
C PHE A 6 -4.58 5.19 -7.08
N ARG A 7 -5.04 4.37 -6.13
CA ARG A 7 -4.37 3.12 -5.82
C ARG A 7 -2.91 3.35 -5.50
N ARG A 8 -2.64 4.39 -4.71
CA ARG A 8 -1.26 4.71 -4.33
C ARG A 8 -1.26 5.77 -3.24
N ALA A 9 -1.67 5.39 -2.04
CA ALA A 9 -1.72 6.31 -0.92
C ALA A 9 -2.01 5.55 0.38
N ALA A 10 -2.79 4.47 0.25
CA ALA A 10 -3.14 3.66 1.42
C ALA A 10 -3.79 2.34 0.98
N HIS A 11 -3.07 1.61 0.12
CA HIS A 11 -3.57 0.33 -0.38
C HIS A 11 -2.42 -0.52 -0.89
N VAL A 12 -2.05 -0.33 -2.16
CA VAL A 12 -0.97 -1.09 -2.76
C VAL A 12 0.38 -0.59 -2.24
N GLY A 13 0.43 0.68 -1.84
CA GLY A 13 1.66 1.25 -1.32
C GLY A 13 2.05 0.66 0.02
N ARG A 14 1.33 -0.38 0.42
CA ARG A 14 1.60 -1.05 1.70
C ARG A 14 2.50 -2.27 1.50
N HIS A 15 2.00 -3.24 0.74
CA HIS A 15 2.75 -4.46 0.47
C HIS A 15 4.05 -4.14 -0.28
N VAL A 16 4.15 -2.92 -0.79
CA VAL A 16 5.34 -2.49 -1.53
C VAL A 16 5.57 -1.00 -1.34
N GLY A 17 5.77 -0.59 -0.09
CA GLY A 17 6.00 0.81 0.22
C GLY A 17 6.11 1.05 1.72
N ARG A 18 5.71 0.05 2.50
CA ARG A 18 5.75 0.17 3.96
C ARG A 18 5.69 -1.22 4.60
N ALA A 19 4.62 -1.95 4.32
CA ALA A 19 4.45 -3.28 4.88
C ALA A 19 5.35 -4.28 4.16
N ALA A 20 6.47 -3.80 3.64
CA ALA A 20 7.40 -4.67 2.93
C ALA A 20 7.86 -5.82 3.82
N LEU A 21 8.20 -6.94 3.20
CA LEU A 21 8.64 -8.11 3.95
C LEU A 21 9.96 -7.81 4.66
N THR A 22 10.61 -6.72 4.27
CA THR A 22 11.88 -6.32 4.88
C THR A 22 11.64 -5.62 6.21
N HIS A 23 10.87 -6.25 7.08
CA HIS A 23 10.58 -5.67 8.39
C HIS A 23 9.85 -6.67 9.27
N TYR A 24 10.12 -7.95 9.04
CA TYR A 24 9.48 -9.01 9.82
C TYR A 24 10.09 -9.09 11.22
N LEU A 25 11.36 -9.45 11.29
CA LEU A 25 12.06 -9.55 12.57
C LEU A 25 11.26 -10.41 13.54
N GLY A 1 -17.00 6.09 -10.03
CA GLY A 1 -16.74 6.80 -11.27
C GLY A 1 -16.78 8.30 -11.08
N TRP A 2 -16.00 8.80 -10.12
CA TRP A 2 -15.96 10.23 -9.85
C TRP A 2 -14.80 10.57 -8.92
N GLY A 3 -13.58 10.37 -9.40
CA GLY A 3 -12.40 10.65 -8.60
C GLY A 3 -12.50 10.06 -7.21
N SER A 4 -12.69 8.74 -7.14
CA SER A 4 -12.81 8.07 -5.85
C SER A 4 -12.63 6.56 -6.03
N PHE A 5 -11.58 6.17 -6.74
CA PHE A 5 -11.32 4.76 -6.97
C PHE A 5 -10.93 4.07 -5.66
N PHE A 6 -9.82 3.33 -5.67
CA PHE A 6 -9.36 2.63 -4.48
C PHE A 6 -7.97 2.06 -4.70
N ARG A 7 -7.65 1.74 -5.95
CA ARG A 7 -6.34 1.17 -6.28
C ARG A 7 -5.26 2.26 -6.26
N ARG A 8 -5.58 3.39 -5.64
CA ARG A 8 -4.63 4.49 -5.57
C ARG A 8 -5.14 5.57 -4.63
N ALA A 9 -6.46 5.69 -4.53
CA ALA A 9 -7.07 6.69 -3.65
C ALA A 9 -6.79 6.36 -2.19
N ALA A 10 -7.00 5.09 -1.83
CA ALA A 10 -6.77 4.66 -0.45
C ALA A 10 -5.29 4.77 -0.09
N HIS A 11 -4.63 3.63 0.05
CA HIS A 11 -3.21 3.61 0.40
C HIS A 11 -2.63 2.22 0.22
N VAL A 12 -3.16 1.47 -0.74
CA VAL A 12 -2.69 0.12 -0.99
C VAL A 12 -1.24 0.14 -1.46
N GLY A 13 -0.63 -1.04 -1.55
CA GLY A 13 0.76 -1.15 -1.99
C GLY A 13 1.72 -0.72 -0.90
N ARG A 14 1.31 0.27 -0.10
CA ARG A 14 2.16 0.76 0.98
C ARG A 14 2.11 -0.19 2.17
N HIS A 15 2.00 -1.48 1.89
CA HIS A 15 1.95 -2.48 2.94
C HIS A 15 3.25 -2.49 3.73
N VAL A 16 3.28 -1.73 4.83
CA VAL A 16 4.47 -1.67 5.67
C VAL A 16 5.69 -1.27 4.85
N GLY A 17 5.71 -0.02 4.39
CA GLY A 17 6.82 0.47 3.60
C GLY A 17 7.22 -0.49 2.51
N ARG A 18 6.22 -0.97 1.75
CA ARG A 18 6.49 -1.91 0.67
C ARG A 18 7.24 -3.14 1.19
N ALA A 19 6.56 -3.93 2.01
CA ALA A 19 7.16 -5.13 2.57
C ALA A 19 8.46 -4.79 3.30
N ALA A 20 9.02 -5.77 4.01
CA ALA A 20 10.26 -5.57 4.75
C ALA A 20 10.84 -6.90 5.19
N LEU A 21 11.47 -7.61 4.27
CA LEU A 21 12.07 -8.91 4.58
C LEU A 21 13.34 -8.71 5.42
N THR A 22 13.61 -7.47 5.79
CA THR A 22 14.78 -7.15 6.61
C THR A 22 14.56 -7.55 8.06
N HIS A 23 13.30 -7.57 8.48
CA HIS A 23 12.96 -7.93 9.85
C HIS A 23 12.98 -9.44 10.05
N TYR A 24 13.94 -10.11 9.43
CA TYR A 24 14.06 -11.56 9.55
C TYR A 24 14.39 -11.95 10.98
N LEU A 25 15.35 -11.23 11.57
CA LEU A 25 15.75 -11.51 12.94
C LEU A 25 14.56 -11.41 13.89
N GLY A 1 -12.42 2.84 -6.70
CA GLY A 1 -11.38 1.90 -7.07
C GLY A 1 -10.67 2.32 -8.35
N TRP A 2 -11.45 2.80 -9.32
CA TRP A 2 -10.90 3.23 -10.60
C TRP A 2 -10.61 4.72 -10.58
N GLY A 3 -11.62 5.52 -10.26
CA GLY A 3 -11.46 6.95 -10.20
C GLY A 3 -10.68 7.39 -8.97
N SER A 4 -10.65 6.53 -7.96
CA SER A 4 -9.92 6.83 -6.73
C SER A 4 -8.42 6.81 -6.98
N PHE A 5 -7.78 7.96 -6.79
CA PHE A 5 -6.34 8.07 -7.00
C PHE A 5 -5.82 9.41 -6.50
N PHE A 6 -5.46 9.47 -5.22
CA PHE A 6 -4.95 10.70 -4.62
C PHE A 6 -4.12 10.38 -3.37
N ARG A 7 -3.36 9.30 -3.44
CA ARG A 7 -2.52 8.89 -2.32
C ARG A 7 -3.35 8.81 -1.04
N ARG A 8 -4.41 8.00 -1.08
CA ARG A 8 -5.26 7.83 0.08
C ARG A 8 -4.52 7.09 1.19
N ALA A 9 -3.35 6.56 0.85
CA ALA A 9 -2.54 5.82 1.81
C ALA A 9 -3.31 4.62 2.35
N ALA A 10 -2.59 3.67 2.92
CA ALA A 10 -3.22 2.47 3.47
C ALA A 10 -4.08 1.79 2.40
N HIS A 11 -3.79 2.08 1.14
CA HIS A 11 -4.54 1.51 0.03
C HIS A 11 -3.72 1.57 -1.26
N VAL A 12 -2.81 2.53 -1.32
CA VAL A 12 -1.97 2.70 -2.50
C VAL A 12 -1.25 1.40 -2.83
N GLY A 13 -0.97 0.61 -1.80
CA GLY A 13 -0.28 -0.66 -2.00
C GLY A 13 -0.15 -1.44 -0.70
N ARG A 14 -1.25 -1.54 0.04
CA ARG A 14 -1.25 -2.27 1.30
C ARG A 14 -0.72 -3.68 1.10
N HIS A 15 -0.73 -4.14 -0.14
CA HIS A 15 -0.24 -5.48 -0.45
C HIS A 15 1.24 -5.60 -0.13
N VAL A 16 2.03 -4.65 -0.64
CA VAL A 16 3.46 -4.65 -0.40
C VAL A 16 3.77 -4.23 1.02
N GLY A 17 3.03 -3.25 1.53
CA GLY A 17 3.23 -2.76 2.87
C GLY A 17 2.94 -3.84 3.90
N ARG A 18 1.71 -4.34 3.89
CA ARG A 18 1.32 -5.39 4.83
C ARG A 18 2.31 -6.54 4.79
N ALA A 19 2.74 -6.92 3.59
CA ALA A 19 3.69 -8.00 3.42
C ALA A 19 4.96 -7.72 4.21
N ALA A 20 5.01 -8.22 5.43
CA ALA A 20 6.18 -8.02 6.29
C ALA A 20 7.38 -8.80 5.77
N LEU A 21 7.23 -9.40 4.59
CA LEU A 21 8.31 -10.17 4.00
C LEU A 21 9.49 -9.27 3.65
N THR A 22 9.22 -7.97 3.58
CA THR A 22 10.27 -7.01 3.26
C THR A 22 11.26 -6.87 4.42
N HIS A 23 12.54 -6.81 4.10
CA HIS A 23 13.58 -6.68 5.12
C HIS A 23 13.37 -5.40 5.92
N TYR A 24 12.43 -5.45 6.87
CA TYR A 24 12.15 -4.29 7.70
C TYR A 24 13.35 -3.98 8.60
N LEU A 25 13.73 -2.71 8.67
CA LEU A 25 14.85 -2.28 9.49
C LEU A 25 14.87 -0.77 9.62
N GLY A 1 -9.02 5.14 -7.24
CA GLY A 1 -9.99 4.15 -7.66
C GLY A 1 -9.93 3.90 -9.15
N TRP A 2 -9.81 4.98 -9.92
CA TRP A 2 -9.75 4.87 -11.38
C TRP A 2 -9.08 6.11 -11.98
N GLY A 3 -7.79 5.99 -12.28
CA GLY A 3 -7.06 7.11 -12.85
C GLY A 3 -7.17 8.35 -12.00
N SER A 4 -7.21 8.16 -10.69
CA SER A 4 -7.32 9.29 -9.76
C SER A 4 -7.01 8.84 -8.34
N PHE A 5 -6.11 7.87 -8.21
CA PHE A 5 -5.73 7.35 -6.90
C PHE A 5 -5.32 8.49 -5.98
N PHE A 6 -4.92 8.15 -4.75
CA PHE A 6 -4.51 9.15 -3.78
C PHE A 6 -3.80 8.48 -2.61
N ARG A 7 -4.57 7.86 -1.72
CA ARG A 7 -4.01 7.19 -0.57
C ARG A 7 -5.06 6.29 0.08
N ARG A 8 -5.83 5.60 -0.75
CA ARG A 8 -6.88 4.71 -0.26
C ARG A 8 -7.38 3.82 -1.39
N ALA A 9 -6.93 4.10 -2.61
CA ALA A 9 -7.35 3.31 -3.76
C ALA A 9 -7.03 1.84 -3.56
N ALA A 10 -5.82 1.56 -3.07
CA ALA A 10 -5.40 0.20 -2.82
C ALA A 10 -4.15 0.17 -1.95
N HIS A 11 -3.66 1.35 -1.60
CA HIS A 11 -2.46 1.46 -0.77
C HIS A 11 -2.78 1.04 0.67
N VAL A 12 -3.75 1.72 1.27
CA VAL A 12 -4.14 1.42 2.64
C VAL A 12 -2.95 1.53 3.58
N GLY A 13 -2.15 0.47 3.64
CA GLY A 13 -0.98 0.46 4.51
C GLY A 13 -0.37 -0.91 4.63
N ARG A 14 0.14 -1.44 3.53
CA ARG A 14 0.76 -2.77 3.54
C ARG A 14 2.10 -2.72 4.28
N HIS A 15 2.85 -1.65 4.07
CA HIS A 15 4.15 -1.50 4.72
C HIS A 15 3.99 -1.42 6.23
N VAL A 16 4.82 -2.17 6.95
CA VAL A 16 4.76 -2.18 8.40
C VAL A 16 3.34 -2.45 8.88
N GLY A 17 2.87 -3.67 8.67
CA GLY A 17 1.53 -4.03 9.08
C GLY A 17 1.12 -5.39 8.53
N ARG A 18 1.19 -5.53 7.21
CA ARG A 18 0.84 -6.78 6.56
C ARG A 18 1.91 -7.83 6.79
N ALA A 19 3.15 -7.39 6.89
CA ALA A 19 4.28 -8.30 7.11
C ALA A 19 4.28 -9.40 6.07
N ALA A 20 5.17 -9.29 5.09
CA ALA A 20 5.26 -10.28 4.02
C ALA A 20 6.64 -10.21 3.34
N LEU A 21 7.66 -9.94 4.13
CA LEU A 21 9.02 -9.86 3.61
C LEU A 21 9.08 -8.84 2.46
N THR A 22 8.55 -7.65 2.69
CA THR A 22 8.54 -6.61 1.67
C THR A 22 9.95 -6.04 1.50
N HIS A 23 10.34 -5.81 0.25
CA HIS A 23 11.66 -5.27 -0.05
C HIS A 23 11.76 -3.83 0.45
N TYR A 24 12.68 -3.07 -0.13
CA TYR A 24 12.89 -1.67 0.26
C TYR A 24 13.18 -1.57 1.76
N LEU A 25 12.14 -1.65 2.58
CA LEU A 25 12.32 -1.56 4.02
C LEU A 25 11.05 -2.01 4.74
N GLY A 1 -9.25 -4.07 -3.05
CA GLY A 1 -10.43 -3.23 -3.06
C GLY A 1 -11.11 -3.21 -4.42
N TRP A 2 -12.32 -2.66 -4.47
CA TRP A 2 -13.08 -2.59 -5.72
C TRP A 2 -12.65 -1.37 -6.53
N GLY A 3 -12.85 -0.19 -5.97
CA GLY A 3 -12.47 1.05 -6.64
C GLY A 3 -10.98 1.28 -6.57
N SER A 4 -10.27 0.38 -5.90
CA SER A 4 -8.82 0.50 -5.77
C SER A 4 -8.46 1.85 -5.16
N PHE A 5 -9.40 2.45 -4.45
CA PHE A 5 -9.17 3.75 -3.83
C PHE A 5 -8.71 4.77 -4.86
N PHE A 6 -8.08 5.84 -4.39
CA PHE A 6 -7.60 6.89 -5.29
C PHE A 6 -6.55 7.76 -4.59
N ARG A 7 -5.29 7.50 -4.87
CA ARG A 7 -4.20 8.27 -4.27
C ARG A 7 -4.38 8.37 -2.76
N ARG A 8 -4.78 7.27 -2.13
CA ARG A 8 -4.99 7.25 -0.69
C ARG A 8 -3.67 7.50 0.04
N ALA A 9 -2.56 7.36 -0.68
CA ALA A 9 -1.24 7.56 -0.09
C ALA A 9 -1.03 6.60 1.08
N ALA A 10 -1.15 5.31 0.81
CA ALA A 10 -0.97 4.29 1.83
C ALA A 10 -0.83 2.92 1.20
N HIS A 11 -1.96 2.24 1.00
CA HIS A 11 -1.95 0.91 0.40
C HIS A 11 -1.64 1.01 -1.09
N VAL A 12 -1.60 2.23 -1.61
CA VAL A 12 -1.31 2.45 -3.02
C VAL A 12 0.06 1.89 -3.38
N GLY A 13 1.10 2.41 -2.73
CA GLY A 13 2.46 1.95 -2.98
C GLY A 13 3.41 2.35 -1.87
N ARG A 14 2.94 3.22 -0.98
CA ARG A 14 3.77 3.66 0.14
C ARG A 14 4.12 2.49 1.05
N HIS A 15 3.35 1.41 0.92
CA HIS A 15 3.59 0.22 1.73
C HIS A 15 5.05 -0.22 1.63
N VAL A 16 5.39 -0.87 0.52
CA VAL A 16 6.75 -1.33 0.31
C VAL A 16 7.69 -0.15 0.06
N GLY A 17 7.14 0.94 -0.43
CA GLY A 17 7.93 2.12 -0.70
C GLY A 17 8.68 2.60 0.52
N ARG A 18 7.95 3.09 1.51
CA ARG A 18 8.56 3.58 2.74
C ARG A 18 8.96 2.42 3.64
N ALA A 19 7.96 1.78 4.26
CA ALA A 19 8.22 0.66 5.15
C ALA A 19 8.84 -0.50 4.38
N ALA A 20 8.94 -1.65 5.03
CA ALA A 20 9.52 -2.84 4.40
C ALA A 20 9.16 -4.09 5.18
N LEU A 21 9.60 -4.13 6.44
CA LEU A 21 9.31 -5.28 7.29
C LEU A 21 7.82 -5.36 7.61
N THR A 22 7.07 -6.02 6.74
CA THR A 22 5.63 -6.16 6.93
C THR A 22 5.08 -7.29 6.06
N HIS A 23 5.82 -7.62 5.01
CA HIS A 23 5.39 -8.69 4.10
C HIS A 23 5.01 -9.95 4.88
N TYR A 24 3.93 -10.60 4.45
CA TYR A 24 3.47 -11.81 5.13
C TYR A 24 2.40 -12.51 4.29
N LEU A 25 2.00 -11.88 3.20
CA LEU A 25 0.98 -12.46 2.33
C LEU A 25 1.54 -13.69 1.60
N GLY A 1 -6.52 -0.42 -6.42
CA GLY A 1 -6.49 -1.36 -7.53
C GLY A 1 -7.80 -2.08 -7.72
N TRP A 2 -8.60 -2.13 -6.64
CA TRP A 2 -9.89 -2.80 -6.70
C TRP A 2 -10.73 -2.45 -5.47
N GLY A 3 -10.20 -1.58 -4.63
CA GLY A 3 -10.89 -1.17 -3.42
C GLY A 3 -10.04 -0.26 -2.56
N SER A 4 -8.74 -0.29 -2.78
CA SER A 4 -7.82 0.56 -2.01
C SER A 4 -8.10 2.02 -2.27
N PHE A 5 -9.09 2.29 -3.12
CA PHE A 5 -9.45 3.67 -3.46
C PHE A 5 -9.67 4.49 -2.19
N PHE A 6 -8.78 5.44 -1.95
CA PHE A 6 -8.88 6.30 -0.77
C PHE A 6 -7.90 7.46 -0.87
N ARG A 7 -6.98 7.37 -1.82
CA ARG A 7 -5.99 8.42 -2.01
C ARG A 7 -5.21 8.19 -3.29
N ARG A 8 -4.87 6.93 -3.56
CA ARG A 8 -4.13 6.59 -4.76
C ARG A 8 -4.12 5.08 -4.98
N ALA A 9 -3.15 4.39 -4.40
CA ALA A 9 -3.05 2.94 -4.54
C ALA A 9 -1.99 2.39 -3.60
N ALA A 10 -1.43 3.25 -2.75
CA ALA A 10 -0.40 2.82 -1.81
C ALA A 10 -0.16 3.89 -0.76
N HIS A 11 -0.23 5.15 -1.17
CA HIS A 11 -0.02 6.27 -0.25
C HIS A 11 -0.96 6.16 0.94
N VAL A 12 -1.90 5.22 0.87
CA VAL A 12 -2.85 5.02 1.96
C VAL A 12 -2.12 4.66 3.25
N GLY A 13 -0.88 4.19 3.11
CA GLY A 13 -0.10 3.81 4.28
C GLY A 13 1.38 3.65 3.93
N ARG A 14 1.73 4.00 2.69
CA ARG A 14 3.11 3.89 2.25
C ARG A 14 3.65 2.49 2.49
N HIS A 15 2.76 1.51 2.47
CA HIS A 15 3.15 0.12 2.69
C HIS A 15 4.06 -0.37 1.57
N VAL A 16 3.44 -0.82 0.47
CA VAL A 16 4.20 -1.31 -0.67
C VAL A 16 5.04 -0.20 -1.29
N GLY A 17 4.57 1.04 -1.13
CA GLY A 17 5.28 2.18 -1.67
C GLY A 17 6.68 2.29 -1.11
N ARG A 18 6.77 2.47 0.21
CA ARG A 18 8.06 2.59 0.87
C ARG A 18 8.91 1.34 0.63
N ALA A 19 8.57 0.26 1.33
CA ALA A 19 9.31 -0.99 1.18
C ALA A 19 8.56 -2.13 1.84
N ALA A 20 8.76 -2.29 3.15
CA ALA A 20 8.09 -3.36 3.89
C ALA A 20 8.32 -4.70 3.19
N LEU A 21 9.53 -5.23 3.31
CA LEU A 21 9.86 -6.51 2.69
C LEU A 21 9.19 -7.66 3.43
N THR A 22 8.49 -7.35 4.50
CA THR A 22 7.80 -8.37 5.28
C THR A 22 6.73 -9.05 4.45
N HIS A 23 6.48 -8.50 3.26
CA HIS A 23 5.47 -9.07 2.37
C HIS A 23 4.15 -9.29 3.11
N TYR A 24 3.91 -8.46 4.12
CA TYR A 24 2.68 -8.57 4.90
C TYR A 24 2.55 -9.97 5.48
N LEU A 25 3.07 -10.16 6.69
CA LEU A 25 3.01 -11.46 7.35
C LEU A 25 3.62 -12.54 6.46
N GLY A 1 -12.34 3.28 -8.73
CA GLY A 1 -12.36 3.24 -10.18
C GLY A 1 -12.54 1.84 -10.71
N TRP A 2 -12.91 0.92 -9.82
CA TRP A 2 -13.12 -0.47 -10.22
C TRP A 2 -13.77 -1.25 -9.09
N GLY A 3 -13.23 -1.11 -7.88
CA GLY A 3 -13.77 -1.81 -6.73
C GLY A 3 -12.85 -1.73 -5.53
N SER A 4 -11.99 -0.71 -5.51
CA SER A 4 -11.06 -0.52 -4.41
C SER A 4 -10.37 0.84 -4.49
N PHE A 5 -9.40 1.06 -3.62
CA PHE A 5 -8.68 2.32 -3.60
C PHE A 5 -7.48 2.23 -2.65
N PHE A 6 -6.54 3.16 -2.80
CA PHE A 6 -5.35 3.18 -1.95
C PHE A 6 -4.73 4.58 -1.93
N ARG A 7 -4.34 5.07 -3.11
CA ARG A 7 -3.74 6.39 -3.22
C ARG A 7 -4.73 7.47 -2.80
N ARG A 8 -5.97 7.06 -2.55
CA ARG A 8 -7.01 8.00 -2.15
C ARG A 8 -6.75 8.53 -0.74
N ALA A 9 -6.81 7.64 0.24
CA ALA A 9 -6.58 8.03 1.63
C ALA A 9 -5.08 8.23 1.90
N ALA A 10 -4.41 8.94 1.01
CA ALA A 10 -2.98 9.20 1.17
C ALA A 10 -2.19 7.89 1.20
N HIS A 11 -2.30 7.11 0.14
CA HIS A 11 -1.58 5.83 0.04
C HIS A 11 -1.56 5.10 1.38
N VAL A 12 -2.60 4.31 1.64
CA VAL A 12 -2.70 3.56 2.89
C VAL A 12 -1.98 2.20 2.75
N GLY A 13 -0.73 2.24 2.32
CA GLY A 13 0.04 1.02 2.16
C GLY A 13 1.32 1.24 1.38
N ARG A 14 1.18 1.71 0.15
CA ARG A 14 2.35 1.94 -0.70
C ARG A 14 3.30 2.93 -0.03
N HIS A 15 4.41 2.41 0.51
CA HIS A 15 5.39 3.26 1.18
C HIS A 15 6.23 4.00 0.15
N VAL A 16 6.68 3.29 -0.87
CA VAL A 16 7.50 3.90 -1.92
C VAL A 16 7.65 2.92 -3.08
N GLY A 17 7.34 1.65 -2.82
CA GLY A 17 7.44 0.62 -3.83
C GLY A 17 6.70 -0.63 -3.40
N ARG A 18 5.42 -0.47 -3.08
CA ARG A 18 4.60 -1.60 -2.65
C ARG A 18 5.18 -2.24 -1.39
N ALA A 19 5.24 -1.46 -0.32
CA ALA A 19 5.77 -1.96 0.95
C ALA A 19 7.20 -2.47 0.76
N ALA A 20 7.77 -3.05 1.81
CA ALA A 20 9.12 -3.59 1.75
C ALA A 20 9.43 -4.42 2.99
N LEU A 21 8.92 -3.98 4.13
CA LEU A 21 9.14 -4.70 5.39
C LEU A 21 8.37 -6.02 5.38
N THR A 22 8.96 -7.04 4.76
CA THR A 22 8.33 -8.35 4.68
C THR A 22 8.43 -9.08 6.02
N HIS A 23 9.30 -8.59 6.89
CA HIS A 23 9.48 -9.20 8.20
C HIS A 23 9.88 -10.67 8.06
N TYR A 24 9.94 -11.37 9.19
CA TYR A 24 10.31 -12.78 9.16
C TYR A 24 9.98 -13.44 10.51
N LEU A 25 9.50 -14.67 10.46
CA LEU A 25 9.15 -15.39 11.68
C LEU A 25 10.41 -15.69 12.49
N GLY A 1 -11.51 6.63 -12.02
CA GLY A 1 -12.73 7.40 -12.18
C GLY A 1 -12.72 8.66 -11.33
N TRP A 2 -12.61 8.48 -10.01
CA TRP A 2 -12.58 9.61 -9.09
C TRP A 2 -11.94 9.21 -7.77
N GLY A 3 -12.08 7.93 -7.42
CA GLY A 3 -11.51 7.43 -6.18
C GLY A 3 -11.70 5.93 -6.04
N SER A 4 -12.45 5.34 -6.96
CA SER A 4 -12.69 3.91 -6.94
C SER A 4 -11.38 3.14 -7.01
N PHE A 5 -10.78 2.91 -5.84
CA PHE A 5 -9.52 2.19 -5.79
C PHE A 5 -8.50 2.78 -6.75
N PHE A 6 -7.67 3.69 -6.25
CA PHE A 6 -6.66 4.33 -7.07
C PHE A 6 -5.66 5.08 -6.19
N ARG A 7 -4.89 4.34 -5.41
CA ARG A 7 -3.89 4.94 -4.53
C ARG A 7 -4.54 5.98 -3.62
N ARG A 8 -5.49 5.53 -2.80
CA ARG A 8 -6.17 6.43 -1.89
C ARG A 8 -5.20 7.00 -0.86
N ALA A 9 -3.94 6.58 -0.96
CA ALA A 9 -2.92 7.05 -0.04
C ALA A 9 -3.34 6.80 1.40
N ALA A 10 -4.43 6.05 1.58
CA ALA A 10 -4.93 5.74 2.91
C ALA A 10 -4.08 4.64 3.57
N HIS A 11 -4.03 3.49 2.93
CA HIS A 11 -3.26 2.37 3.45
C HIS A 11 -3.22 1.22 2.45
N VAL A 12 -4.06 1.31 1.42
CA VAL A 12 -4.12 0.28 0.39
C VAL A 12 -2.88 0.33 -0.50
N GLY A 13 -2.47 -0.83 -0.99
CA GLY A 13 -1.30 -0.91 -1.87
C GLY A 13 0.00 -0.76 -1.10
N ARG A 14 0.01 0.16 -0.14
CA ARG A 14 1.21 0.40 0.65
C ARG A 14 1.57 -0.83 1.47
N HIS A 15 0.56 -1.49 2.03
CA HIS A 15 0.78 -2.68 2.83
C HIS A 15 1.55 -3.73 2.03
N VAL A 16 0.85 -4.41 1.12
CA VAL A 16 1.47 -5.44 0.29
C VAL A 16 2.31 -4.79 -0.82
N GLY A 17 3.30 -4.00 -0.43
CA GLY A 17 4.16 -3.34 -1.40
C GLY A 17 5.39 -2.73 -0.74
N ARG A 18 5.17 -1.82 0.19
CA ARG A 18 6.28 -1.18 0.89
C ARG A 18 6.94 -2.15 1.86
N ALA A 19 6.13 -2.78 2.70
CA ALA A 19 6.64 -3.74 3.67
C ALA A 19 7.46 -4.82 2.98
N ALA A 20 6.78 -5.72 2.27
CA ALA A 20 7.46 -6.80 1.57
C ALA A 20 8.37 -7.57 2.53
N LEU A 21 9.54 -7.97 2.05
CA LEU A 21 10.49 -8.71 2.88
C LEU A 21 11.21 -7.76 3.84
N THR A 22 10.44 -7.09 4.69
CA THR A 22 11.00 -6.16 5.65
C THR A 22 12.15 -6.81 6.43
N HIS A 23 13.17 -6.03 6.73
CA HIS A 23 14.32 -6.53 7.48
C HIS A 23 13.86 -7.17 8.78
N TYR A 24 14.41 -8.35 9.07
CA TYR A 24 14.05 -9.06 10.30
C TYR A 24 14.61 -8.34 11.52
N LEU A 25 13.75 -8.08 12.50
CA LEU A 25 14.17 -7.39 13.71
C LEU A 25 13.10 -7.51 14.79
N GLY A 1 -17.95 8.18 -9.90
CA GLY A 1 -17.17 8.61 -11.05
C GLY A 1 -16.80 7.44 -11.94
N TRP A 2 -15.81 6.67 -11.50
CA TRP A 2 -15.37 5.51 -12.27
C TRP A 2 -14.49 4.59 -11.42
N GLY A 3 -14.24 5.01 -10.18
CA GLY A 3 -13.42 4.22 -9.27
C GLY A 3 -13.05 5.00 -8.02
N SER A 4 -13.23 6.31 -8.06
CA SER A 4 -12.91 7.14 -6.92
C SER A 4 -11.49 6.88 -6.44
N PHE A 5 -10.53 7.64 -6.95
CA PHE A 5 -9.14 7.47 -6.57
C PHE A 5 -8.91 7.91 -5.12
N PHE A 6 -8.49 6.96 -4.29
CA PHE A 6 -8.24 7.25 -2.88
C PHE A 6 -6.93 8.03 -2.73
N ARG A 7 -6.67 8.92 -3.67
CA ARG A 7 -5.44 9.72 -3.65
C ARG A 7 -4.21 8.81 -3.66
N ARG A 8 -4.45 7.51 -3.80
CA ARG A 8 -3.35 6.54 -3.83
C ARG A 8 -2.35 6.81 -2.71
N ALA A 9 -2.86 7.31 -1.58
CA ALA A 9 -2.00 7.61 -0.44
C ALA A 9 -1.14 6.39 -0.09
N ALA A 10 -1.80 5.26 0.13
CA ALA A 10 -1.10 4.03 0.47
C ALA A 10 -2.06 2.84 0.47
N HIS A 11 -3.36 3.15 0.37
CA HIS A 11 -4.37 2.10 0.37
C HIS A 11 -4.18 1.16 -0.81
N VAL A 12 -4.05 1.73 -2.00
CA VAL A 12 -3.85 0.92 -3.20
C VAL A 12 -2.47 0.28 -3.20
N GLY A 13 -2.31 -0.76 -2.39
CA GLY A 13 -1.03 -1.45 -2.30
C GLY A 13 -1.09 -2.64 -1.35
N ARG A 14 -0.77 -2.39 -0.09
CA ARG A 14 -0.79 -3.44 0.92
C ARG A 14 0.15 -4.58 0.54
N HIS A 15 0.67 -5.28 1.55
CA HIS A 15 1.58 -6.39 1.32
C HIS A 15 2.81 -5.93 0.54
N VAL A 16 3.08 -4.63 0.59
CA VAL A 16 4.23 -4.07 -0.10
C VAL A 16 4.50 -2.64 0.39
N GLY A 17 3.42 -1.89 0.57
CA GLY A 17 3.54 -0.51 1.04
C GLY A 17 3.80 -0.45 2.53
N ARG A 18 3.11 -1.33 3.27
CA ARG A 18 3.29 -1.37 4.72
C ARG A 18 4.76 -1.52 5.08
N ALA A 19 5.40 -2.55 4.54
CA ALA A 19 6.82 -2.80 4.82
C ALA A 19 7.38 -3.78 3.81
N ALA A 20 8.13 -4.78 4.30
CA ALA A 20 8.74 -5.77 3.42
C ALA A 20 9.12 -7.02 4.21
N LEU A 21 9.63 -8.03 3.52
CA LEU A 21 10.03 -9.28 4.17
C LEU A 21 11.04 -8.99 5.28
N THR A 22 10.56 -8.96 6.51
CA THR A 22 11.43 -8.70 7.66
C THR A 22 12.35 -9.89 7.92
N HIS A 23 13.57 -9.60 8.35
CA HIS A 23 14.53 -10.65 8.63
C HIS A 23 15.71 -10.10 9.43
N TYR A 24 15.70 -8.80 9.67
CA TYR A 24 16.77 -8.16 10.42
C TYR A 24 16.72 -8.57 11.89
N LEU A 25 17.69 -8.12 12.66
CA LEU A 25 17.75 -8.46 14.08
C LEU A 25 16.65 -7.73 14.85
N GLY A 1 -8.31 4.64 -13.39
CA GLY A 1 -7.08 4.05 -13.88
C GLY A 1 -5.99 5.07 -14.07
N TRP A 2 -6.38 6.27 -14.53
CA TRP A 2 -5.42 7.34 -14.74
C TRP A 2 -4.99 7.95 -13.41
N GLY A 3 -5.90 7.95 -12.45
CA GLY A 3 -5.60 8.49 -11.14
C GLY A 3 -6.70 8.18 -10.14
N SER A 4 -7.74 7.50 -10.60
CA SER A 4 -8.86 7.13 -9.74
C SER A 4 -8.37 6.29 -8.57
N PHE A 5 -9.15 6.27 -7.50
CA PHE A 5 -8.79 5.49 -6.32
C PHE A 5 -8.86 4.00 -6.61
N PHE A 6 -8.02 3.23 -5.92
CA PHE A 6 -8.00 1.78 -6.10
C PHE A 6 -7.20 1.12 -4.99
N ARG A 7 -7.89 0.39 -4.12
CA ARG A 7 -7.23 -0.28 -3.00
C ARG A 7 -6.40 0.72 -2.21
N ARG A 8 -6.93 1.92 -2.04
CA ARG A 8 -6.23 2.97 -1.31
C ARG A 8 -7.17 4.16 -1.06
N ALA A 9 -8.42 3.85 -0.73
CA ALA A 9 -9.41 4.90 -0.47
C ALA A 9 -8.98 5.75 0.72
N ALA A 10 -8.01 5.24 1.48
CA ALA A 10 -7.52 5.96 2.65
C ALA A 10 -6.21 5.35 3.15
N HIS A 11 -5.21 5.31 2.27
CA HIS A 11 -3.92 4.75 2.63
C HIS A 11 -4.08 3.37 3.26
N VAL A 12 -5.00 2.58 2.71
CA VAL A 12 -5.25 1.24 3.23
C VAL A 12 -4.00 0.38 3.10
N GLY A 13 -3.09 0.77 2.22
CA GLY A 13 -1.86 0.03 2.02
C GLY A 13 -1.06 -0.08 3.30
N ARG A 14 -1.48 0.65 4.31
CA ARG A 14 -0.78 0.63 5.60
C ARG A 14 -0.69 -0.79 6.13
N HIS A 15 -0.27 -0.91 7.39
CA HIS A 15 -0.14 -2.22 8.02
C HIS A 15 0.76 -3.14 7.20
N VAL A 16 0.19 -3.77 6.17
CA VAL A 16 0.95 -4.66 5.32
C VAL A 16 2.07 -3.91 4.60
N GLY A 17 1.84 -2.63 4.33
CA GLY A 17 2.82 -1.81 3.65
C GLY A 17 3.94 -1.37 4.57
N ARG A 18 3.57 -0.89 5.76
CA ARG A 18 4.55 -0.44 6.73
C ARG A 18 5.48 -1.58 7.12
N ALA A 19 4.97 -2.81 7.08
CA ALA A 19 5.76 -3.98 7.43
C ALA A 19 6.74 -4.33 6.31
N ALA A 20 7.06 -3.35 5.48
CA ALA A 20 7.99 -3.58 4.38
C ALA A 20 9.41 -3.76 4.89
N LEU A 21 9.54 -3.89 6.21
CA LEU A 21 10.85 -4.05 6.82
C LEU A 21 11.35 -5.49 6.64
N THR A 22 10.68 -6.25 5.78
CA THR A 22 11.06 -7.63 5.53
C THR A 22 12.39 -7.69 4.78
N HIS A 23 12.75 -8.90 4.34
CA HIS A 23 14.00 -9.08 3.61
C HIS A 23 13.97 -8.30 2.30
N TYR A 24 15.16 -8.00 1.76
CA TYR A 24 15.26 -7.26 0.52
C TYR A 24 14.44 -7.95 -0.58
N LEU A 25 14.31 -9.26 -0.46
CA LEU A 25 13.55 -10.03 -1.45
C LEU A 25 12.05 -9.72 -1.33
N GLY A 1 -10.88 -0.51 -8.52
CA GLY A 1 -9.59 -0.68 -9.17
C GLY A 1 -8.87 -1.93 -8.71
N TRP A 2 -8.80 -2.12 -7.40
CA TRP A 2 -8.12 -3.28 -6.84
C TRP A 2 -8.42 -3.40 -5.35
N GLY A 3 -8.67 -2.27 -4.71
CA GLY A 3 -8.96 -2.27 -3.28
C GLY A 3 -9.35 -0.88 -2.80
N SER A 4 -10.41 -0.32 -3.40
CA SER A 4 -10.87 1.00 -3.01
C SER A 4 -9.72 2.00 -3.02
N PHE A 5 -9.82 3.02 -2.16
CA PHE A 5 -8.78 4.04 -2.08
C PHE A 5 -8.80 4.71 -0.70
N PHE A 6 -7.90 5.66 -0.50
CA PHE A 6 -7.82 6.37 0.78
C PHE A 6 -6.95 7.62 0.63
N ARG A 7 -6.48 7.86 -0.59
CA ARG A 7 -5.64 9.02 -0.85
C ARG A 7 -5.45 9.21 -2.35
N ARG A 8 -4.91 8.18 -3.01
CA ARG A 8 -4.69 8.26 -4.45
C ARG A 8 -4.32 6.87 -5.00
N ALA A 9 -3.64 6.09 -4.16
CA ALA A 9 -3.22 4.74 -4.57
C ALA A 9 -2.66 3.98 -3.38
N ALA A 10 -1.34 3.99 -3.25
CA ALA A 10 -0.68 3.28 -2.16
C ALA A 10 -1.26 3.72 -0.82
N HIS A 11 -1.15 2.84 0.18
CA HIS A 11 -1.68 3.15 1.52
C HIS A 11 -0.90 4.29 2.15
N VAL A 12 -1.33 5.52 1.88
CA VAL A 12 -0.66 6.70 2.44
C VAL A 12 0.81 6.72 2.03
N GLY A 13 1.63 5.92 2.71
CA GLY A 13 3.05 5.87 2.40
C GLY A 13 3.70 4.61 2.97
N ARG A 14 3.06 3.47 2.74
CA ARG A 14 3.58 2.19 3.23
C ARG A 14 2.95 1.04 2.44
N HIS A 15 3.10 -0.17 2.97
CA HIS A 15 2.55 -1.35 2.31
C HIS A 15 3.11 -1.47 0.89
N VAL A 16 2.22 -1.56 -0.10
CA VAL A 16 2.65 -1.67 -1.49
C VAL A 16 3.64 -0.56 -1.83
N GLY A 17 3.49 0.59 -1.18
CA GLY A 17 4.37 1.71 -1.42
C GLY A 17 5.83 1.30 -1.36
N ARG A 18 6.30 0.99 -0.16
CA ARG A 18 7.70 0.59 0.03
C ARG A 18 7.88 -0.88 -0.36
N ALA A 19 7.14 -1.76 0.30
CA ALA A 19 7.23 -3.19 0.02
C ALA A 19 8.68 -3.66 0.09
N ALA A 20 9.51 -2.87 0.78
CA ALA A 20 10.92 -3.20 0.92
C ALA A 20 11.10 -4.37 1.89
N LEU A 21 11.10 -4.07 3.18
CA LEU A 21 11.27 -5.10 4.20
C LEU A 21 9.98 -5.92 4.34
N THR A 22 9.10 -5.80 3.36
CA THR A 22 7.84 -6.54 3.38
C THR A 22 7.11 -6.30 4.70
N HIS A 23 6.14 -7.16 5.01
CA HIS A 23 5.38 -7.01 6.24
C HIS A 23 4.56 -8.28 6.51
N TYR A 24 4.99 -9.40 5.93
CA TYR A 24 4.30 -10.67 6.13
C TYR A 24 2.82 -10.52 5.78
N LEU A 25 2.08 -11.61 5.92
CA LEU A 25 0.65 -11.60 5.63
C LEU A 25 -0.02 -12.85 6.20
N GLY A 1 1.10 7.78 -4.47
CA GLY A 1 -0.21 7.54 -3.86
C GLY A 1 -0.45 8.46 -2.68
N TRP A 2 -0.89 9.69 -2.98
CA TRP A 2 -1.17 10.68 -1.95
C TRP A 2 -2.17 11.71 -2.44
N GLY A 3 -1.72 12.57 -3.36
CA GLY A 3 -2.57 13.60 -3.91
C GLY A 3 -3.59 13.03 -4.88
N SER A 4 -3.80 11.72 -4.82
CA SER A 4 -4.75 11.06 -5.70
C SER A 4 -4.97 9.61 -5.27
N PHE A 5 -4.13 9.13 -4.37
CA PHE A 5 -4.24 7.76 -3.89
C PHE A 5 -4.32 6.79 -5.05
N PHE A 6 -4.89 5.60 -4.80
CA PHE A 6 -5.01 4.60 -5.85
C PHE A 6 -5.91 3.46 -5.38
N ARG A 7 -7.06 3.31 -6.03
CA ARG A 7 -8.02 2.25 -5.69
C ARG A 7 -8.76 2.58 -4.40
N ARG A 8 -8.01 2.97 -3.36
CA ARG A 8 -8.61 3.31 -2.08
C ARG A 8 -7.66 4.17 -1.25
N ALA A 9 -6.67 3.52 -0.64
CA ALA A 9 -5.69 4.24 0.18
C ALA A 9 -4.46 3.39 0.41
N ALA A 10 -4.65 2.08 0.57
CA ALA A 10 -3.54 1.17 0.80
C ALA A 10 -4.00 -0.27 0.71
N HIS A 11 -5.23 -0.48 0.24
CA HIS A 11 -5.77 -1.82 0.10
C HIS A 11 -4.88 -2.67 -0.80
N VAL A 12 -4.43 -2.10 -1.90
CA VAL A 12 -3.58 -2.81 -2.84
C VAL A 12 -2.34 -3.37 -2.13
N GLY A 13 -1.96 -2.71 -1.04
CA GLY A 13 -0.79 -3.15 -0.29
C GLY A 13 -0.89 -4.60 0.12
N ARG A 14 -2.06 -4.99 0.61
CA ARG A 14 -2.28 -6.37 1.04
C ARG A 14 -1.84 -7.36 -0.04
N HIS A 15 -0.56 -7.73 -0.01
CA HIS A 15 -0.03 -8.67 -1.00
C HIS A 15 -0.32 -10.11 -0.58
N VAL A 16 0.52 -10.65 0.30
CA VAL A 16 0.35 -12.01 0.78
C VAL A 16 -0.83 -12.09 1.74
N GLY A 17 -1.03 -11.03 2.52
CA GLY A 17 -2.12 -11.00 3.48
C GLY A 17 -2.03 -9.79 4.40
N ARG A 18 -1.00 -8.97 4.17
CA ARG A 18 -0.80 -7.77 4.99
C ARG A 18 0.36 -6.96 4.45
N ALA A 19 0.56 -7.02 3.13
CA ALA A 19 1.64 -6.28 2.50
C ALA A 19 2.99 -6.69 3.08
N ALA A 20 3.95 -5.76 3.09
CA ALA A 20 5.27 -6.04 3.62
C ALA A 20 6.07 -4.75 3.76
N LEU A 21 6.36 -4.37 5.01
CA LEU A 21 7.14 -3.16 5.27
C LEU A 21 8.62 -3.40 5.01
N THR A 22 8.93 -3.81 3.78
CA THR A 22 10.32 -4.06 3.41
C THR A 22 11.19 -2.84 3.70
N HIS A 23 11.39 -2.01 2.69
CA HIS A 23 12.20 -0.81 2.85
C HIS A 23 11.43 0.27 3.62
N TYR A 24 12.17 1.13 4.32
CA TYR A 24 11.54 2.20 5.09
C TYR A 24 10.89 3.22 4.16
N LEU A 25 10.96 4.49 4.53
CA LEU A 25 10.38 5.55 3.71
C LEU A 25 11.14 5.68 2.40
N GLY A 1 -5.84 4.67 -8.27
CA GLY A 1 -6.41 5.21 -9.49
C GLY A 1 -5.33 5.53 -10.52
N TRP A 2 -4.35 6.33 -10.13
CA TRP A 2 -3.27 6.70 -11.03
C TRP A 2 -2.13 7.34 -10.26
N GLY A 3 -2.47 8.33 -9.41
CA GLY A 3 -1.46 9.02 -8.63
C GLY A 3 -2.09 9.91 -7.58
N SER A 4 -3.42 10.00 -7.60
CA SER A 4 -4.14 10.84 -6.64
C SER A 4 -3.97 10.30 -5.23
N PHE A 5 -4.51 9.10 -4.99
CA PHE A 5 -4.42 8.47 -3.68
C PHE A 5 -2.97 8.13 -3.35
N PHE A 6 -2.78 7.35 -2.29
CA PHE A 6 -1.43 6.96 -1.88
C PHE A 6 -1.49 5.71 -1.01
N ARG A 7 -2.15 5.82 0.13
CA ARG A 7 -2.26 4.69 1.06
C ARG A 7 -3.28 5.00 2.16
N ARG A 8 -3.97 6.12 2.02
CA ARG A 8 -4.96 6.52 3.01
C ARG A 8 -6.07 5.47 3.12
N ALA A 9 -6.72 5.19 2.00
CA ALA A 9 -7.80 4.20 1.99
C ALA A 9 -8.09 3.75 0.56
N ALA A 10 -7.12 3.07 -0.05
CA ALA A 10 -7.28 2.59 -1.42
C ALA A 10 -6.19 1.60 -1.76
N HIS A 11 -5.36 1.27 -0.78
CA HIS A 11 -4.26 0.34 -1.00
C HIS A 11 -3.66 -0.10 0.34
N VAL A 12 -3.14 0.88 1.08
CA VAL A 12 -2.53 0.58 2.38
C VAL A 12 -1.44 -0.47 2.24
N GLY A 13 -1.83 -1.74 2.29
CA GLY A 13 -0.87 -2.83 2.17
C GLY A 13 -1.54 -4.18 2.25
N ARG A 14 -2.87 -4.19 2.24
CA ARG A 14 -3.63 -5.43 2.32
C ARG A 14 -3.24 -6.36 1.17
N HIS A 15 -3.10 -7.64 1.47
CA HIS A 15 -2.75 -8.63 0.45
C HIS A 15 -2.91 -10.04 1.00
N VAL A 16 -4.07 -10.32 1.56
CA VAL A 16 -4.33 -11.65 2.13
C VAL A 16 -3.22 -12.03 3.10
N GLY A 17 -2.71 -11.03 3.82
CA GLY A 17 -1.64 -11.26 4.79
C GLY A 17 -0.92 -9.98 5.15
N ARG A 18 -1.43 -8.86 4.65
CA ARG A 18 -0.83 -7.56 4.93
C ARG A 18 0.67 -7.59 4.62
N ALA A 19 1.00 -7.60 3.34
CA ALA A 19 2.40 -7.63 2.92
C ALA A 19 3.17 -6.48 3.54
N ALA A 20 4.48 -6.44 3.31
CA ALA A 20 5.32 -5.38 3.86
C ALA A 20 6.69 -5.40 3.21
N LEU A 21 6.71 -5.59 1.89
CA LEU A 21 7.98 -5.62 1.14
C LEU A 21 8.47 -4.20 0.86
N THR A 22 8.04 -3.25 1.68
CA THR A 22 8.45 -1.86 1.51
C THR A 22 9.88 -1.65 1.99
N HIS A 23 10.83 -2.31 1.35
CA HIS A 23 12.23 -2.19 1.73
C HIS A 23 12.81 -0.87 1.21
N TYR A 24 13.12 0.03 2.14
CA TYR A 24 13.67 1.33 1.76
C TYR A 24 14.12 2.09 3.01
N LEU A 25 13.64 1.66 4.17
CA LEU A 25 13.99 2.31 5.43
C LEU A 25 13.77 3.82 5.33
N GLY A 1 1.32 2.27 -11.48
CA GLY A 1 0.29 3.09 -10.85
C GLY A 1 0.89 4.19 -9.99
N TRP A 2 0.11 5.24 -9.75
CA TRP A 2 0.57 6.36 -8.94
C TRP A 2 -0.61 7.18 -8.45
N GLY A 3 -1.82 6.74 -8.79
CA GLY A 3 -3.02 7.45 -8.38
C GLY A 3 -4.27 6.65 -8.68
N SER A 4 -4.09 5.36 -8.98
CA SER A 4 -5.23 4.50 -9.29
C SER A 4 -5.99 4.14 -8.02
N PHE A 5 -5.32 4.23 -6.88
CA PHE A 5 -5.95 3.92 -5.60
C PHE A 5 -6.95 5.00 -5.21
N PHE A 6 -7.56 4.85 -4.03
CA PHE A 6 -8.54 5.82 -3.55
C PHE A 6 -8.68 5.72 -2.03
N ARG A 7 -7.65 6.17 -1.32
CA ARG A 7 -7.67 6.12 0.14
C ARG A 7 -7.96 4.71 0.62
N ARG A 8 -7.12 3.76 0.21
CA ARG A 8 -7.31 2.36 0.60
C ARG A 8 -6.02 1.58 0.40
N ALA A 9 -5.71 1.27 -0.86
CA ALA A 9 -4.50 0.52 -1.17
C ALA A 9 -3.26 1.35 -0.86
N ALA A 10 -3.47 2.58 -0.38
CA ALA A 10 -2.36 3.45 -0.03
C ALA A 10 -1.58 2.89 1.16
N HIS A 11 -2.01 3.25 2.36
CA HIS A 11 -1.34 2.78 3.57
C HIS A 11 -2.17 3.16 4.80
N VAL A 12 -3.39 3.61 4.58
CA VAL A 12 -4.28 3.99 5.67
C VAL A 12 -4.60 2.78 6.55
N GLY A 13 -4.23 1.60 6.05
CA GLY A 13 -4.48 0.37 6.79
C GLY A 13 -3.75 -0.81 6.17
N ARG A 14 -4.03 -1.06 4.89
CA ARG A 14 -3.39 -2.17 4.18
C ARG A 14 -1.95 -1.80 3.81
N HIS A 15 -1.07 -1.80 4.80
CA HIS A 15 0.33 -1.47 4.56
C HIS A 15 0.95 -2.44 3.57
N VAL A 16 0.74 -2.18 2.28
CA VAL A 16 1.28 -3.04 1.23
C VAL A 16 0.84 -4.48 1.44
N GLY A 17 -0.45 -4.73 1.23
CA GLY A 17 -0.99 -6.07 1.39
C GLY A 17 -0.90 -6.54 2.82
N ARG A 18 -1.34 -5.70 3.75
CA ARG A 18 -1.30 -6.04 5.17
C ARG A 18 0.10 -6.52 5.56
N ALA A 19 1.01 -5.57 5.75
CA ALA A 19 2.38 -5.88 6.12
C ALA A 19 3.04 -6.76 5.07
N ALA A 20 4.33 -6.52 4.83
CA ALA A 20 5.07 -7.28 3.84
C ALA A 20 6.57 -7.03 3.98
N LEU A 21 7.34 -8.11 4.08
CA LEU A 21 8.79 -8.00 4.22
C LEU A 21 9.44 -7.65 2.89
N THR A 22 8.63 -7.56 1.84
CA THR A 22 9.14 -7.24 0.51
C THR A 22 9.44 -5.73 0.41
N HIS A 23 8.68 -5.03 -0.43
CA HIS A 23 8.87 -3.59 -0.61
C HIS A 23 10.35 -3.23 -0.69
N TYR A 24 10.66 -1.96 -0.54
CA TYR A 24 12.05 -1.49 -0.59
C TYR A 24 12.16 -0.05 -0.11
N LEU A 25 11.02 0.52 0.29
CA LEU A 25 11.01 1.89 0.79
C LEU A 25 11.74 2.00 2.12
N GLY A 1 -14.02 3.06 -9.55
CA GLY A 1 -14.97 4.05 -9.99
C GLY A 1 -14.31 5.15 -10.80
N TRP A 2 -13.05 5.44 -10.49
CA TRP A 2 -12.31 6.47 -11.20
C TRP A 2 -10.83 6.45 -10.80
N GLY A 3 -10.59 6.30 -9.50
CA GLY A 3 -9.23 6.26 -9.00
C GLY A 3 -9.18 6.21 -7.49
N SER A 4 -10.30 5.82 -6.88
CA SER A 4 -10.39 5.72 -5.43
C SER A 4 -9.69 4.46 -4.93
N PHE A 5 -8.43 4.30 -5.32
CA PHE A 5 -7.66 3.12 -4.91
C PHE A 5 -6.17 3.35 -5.13
N PHE A 6 -5.60 4.26 -4.34
CA PHE A 6 -4.18 4.57 -4.46
C PHE A 6 -3.72 5.43 -3.28
N ARG A 7 -4.68 5.98 -2.54
CA ARG A 7 -4.36 6.81 -1.40
C ARG A 7 -5.58 6.93 -0.48
N ARG A 8 -6.44 5.92 -0.52
CA ARG A 8 -7.64 5.92 0.31
C ARG A 8 -7.26 5.90 1.79
N ALA A 9 -6.03 5.51 2.08
CA ALA A 9 -5.54 5.46 3.45
C ALA A 9 -4.03 5.28 3.48
N ALA A 10 -3.31 6.39 3.32
CA ALA A 10 -1.84 6.34 3.33
C ALA A 10 -1.34 5.28 2.35
N HIS A 11 -1.80 5.36 1.11
CA HIS A 11 -1.38 4.40 0.09
C HIS A 11 -1.62 2.97 0.57
N VAL A 12 -2.71 2.37 0.11
CA VAL A 12 -3.05 1.00 0.50
C VAL A 12 -2.08 0.01 -0.13
N GLY A 13 -1.63 0.31 -1.35
CA GLY A 13 -0.70 -0.56 -2.04
C GLY A 13 0.62 -0.69 -1.30
N ARG A 14 1.05 0.42 -0.69
CA ARG A 14 2.30 0.43 0.05
C ARG A 14 2.27 -0.64 1.15
N HIS A 15 3.46 -1.01 1.64
CA HIS A 15 3.55 -2.02 2.69
C HIS A 15 2.84 -3.31 2.27
N VAL A 16 1.53 -3.36 2.51
CA VAL A 16 0.75 -4.53 2.14
C VAL A 16 0.54 -4.58 0.63
N GLY A 17 1.63 -4.81 -0.10
CA GLY A 17 1.56 -4.86 -1.55
C GLY A 17 2.92 -4.78 -2.18
N ARG A 18 3.64 -3.70 -1.90
CA ARG A 18 4.98 -3.51 -2.46
C ARG A 18 5.85 -4.75 -2.21
N ALA A 19 5.68 -5.36 -1.04
CA ALA A 19 6.44 -6.55 -0.69
C ALA A 19 7.94 -6.26 -0.76
N ALA A 20 8.60 -6.24 0.40
CA ALA A 20 10.02 -5.97 0.45
C ALA A 20 10.58 -6.35 1.82
N LEU A 21 11.89 -6.20 1.98
CA LEU A 21 12.53 -6.52 3.26
C LEU A 21 12.19 -5.47 4.30
N THR A 22 10.93 -5.46 4.73
CA THR A 22 10.47 -4.50 5.74
C THR A 22 10.89 -4.95 7.13
N HIS A 23 11.21 -3.98 7.99
CA HIS A 23 11.63 -4.29 9.36
C HIS A 23 10.58 -5.16 10.04
N TYR A 24 11.00 -5.86 11.10
CA TYR A 24 10.08 -6.73 11.83
C TYR A 24 9.38 -7.69 10.87
N LEU A 25 9.86 -8.94 10.84
CA LEU A 25 9.28 -9.95 9.97
C LEU A 25 7.76 -9.95 10.06
N GLY A 1 -8.86 11.74 -10.43
CA GLY A 1 -9.73 12.28 -11.45
C GLY A 1 -11.19 11.97 -11.18
N TRP A 2 -11.43 10.97 -10.33
CA TRP A 2 -12.80 10.58 -9.99
C TRP A 2 -12.81 9.84 -8.65
N GLY A 3 -11.65 9.77 -8.00
CA GLY A 3 -11.54 9.10 -6.73
C GLY A 3 -11.59 7.59 -6.87
N SER A 4 -11.21 7.09 -8.05
CA SER A 4 -11.22 5.66 -8.29
C SER A 4 -10.12 4.97 -7.50
N PHE A 5 -10.04 3.64 -7.62
CA PHE A 5 -9.02 2.88 -6.90
C PHE A 5 -7.66 3.07 -7.53
N PHE A 6 -6.63 2.57 -6.86
CA PHE A 6 -5.25 2.68 -7.37
C PHE A 6 -4.37 1.61 -6.75
N ARG A 7 -4.99 0.68 -6.03
CA ARG A 7 -4.26 -0.40 -5.39
C ARG A 7 -3.23 0.16 -4.41
N ARG A 8 -3.37 1.43 -4.08
CA ARG A 8 -2.45 2.08 -3.15
C ARG A 8 -2.98 3.46 -2.76
N ALA A 9 -4.31 3.57 -2.64
CA ALA A 9 -4.94 4.83 -2.27
C ALA A 9 -4.79 5.07 -0.77
N ALA A 10 -5.88 5.46 -0.11
CA ALA A 10 -5.85 5.72 1.32
C ALA A 10 -5.25 4.53 2.07
N HIS A 11 -5.81 3.35 1.85
CA HIS A 11 -5.33 2.15 2.51
C HIS A 11 -6.01 0.91 1.92
N VAL A 12 -5.91 0.75 0.61
CA VAL A 12 -6.52 -0.40 -0.06
C VAL A 12 -5.88 -1.70 0.44
N GLY A 13 -4.63 -1.60 0.87
CA GLY A 13 -3.92 -2.77 1.37
C GLY A 13 -2.45 -2.49 1.57
N ARG A 14 -2.07 -2.15 2.80
CA ARG A 14 -0.68 -1.86 3.11
C ARG A 14 0.16 -3.12 3.02
N HIS A 15 -0.44 -4.20 2.56
CA HIS A 15 0.28 -5.47 2.43
C HIS A 15 1.36 -5.34 1.37
N VAL A 16 1.46 -4.16 0.77
CA VAL A 16 2.46 -3.90 -0.25
C VAL A 16 2.69 -2.40 -0.40
N GLY A 17 1.66 -1.62 -0.11
CA GLY A 17 1.76 -0.18 -0.21
C GLY A 17 2.67 0.39 0.85
N ARG A 18 3.16 -0.47 1.74
CA ARG A 18 4.06 -0.05 2.82
C ARG A 18 4.92 -1.22 3.28
N ALA A 19 4.34 -2.42 3.28
CA ALA A 19 5.08 -3.61 3.70
C ALA A 19 5.74 -3.38 5.05
N ALA A 20 6.68 -4.26 5.40
CA ALA A 20 7.38 -4.14 6.68
C ALA A 20 8.55 -5.12 6.74
N LEU A 21 9.10 -5.46 5.57
CA LEU A 21 10.23 -6.37 5.51
C LEU A 21 11.51 -5.68 5.97
N THR A 22 11.36 -4.54 6.62
CA THR A 22 12.50 -3.79 7.11
C THR A 22 13.42 -4.67 7.95
N HIS A 23 12.86 -5.74 8.50
CA HIS A 23 13.64 -6.67 9.31
C HIS A 23 14.70 -7.37 8.47
N TYR A 24 15.89 -6.77 8.41
CA TYR A 24 16.98 -7.36 7.64
C TYR A 24 17.43 -8.68 8.27
N LEU A 25 17.94 -9.58 7.43
CA LEU A 25 18.40 -10.88 7.91
C LEU A 25 19.48 -10.68 8.98
N GLY A 1 4.01 5.07 -10.96
CA GLY A 1 2.84 4.22 -11.09
C GLY A 1 1.77 4.86 -11.95
N TRP A 2 0.64 4.19 -12.08
CA TRP A 2 -0.47 4.70 -12.88
C TRP A 2 -1.25 5.76 -12.11
N GLY A 3 -1.12 5.74 -10.79
CA GLY A 3 -1.81 6.69 -9.95
C GLY A 3 -1.58 6.43 -8.47
N SER A 4 -0.66 5.51 -8.18
CA SER A 4 -0.35 5.16 -6.80
C SER A 4 -1.62 4.89 -6.01
N PHE A 5 -2.45 3.97 -6.51
CA PHE A 5 -3.69 3.63 -5.84
C PHE A 5 -4.50 4.89 -5.52
N PHE A 6 -5.44 4.77 -4.58
CA PHE A 6 -6.28 5.90 -4.19
C PHE A 6 -5.60 6.70 -3.08
N ARG A 7 -6.40 7.26 -2.18
CA ARG A 7 -5.86 8.04 -1.08
C ARG A 7 -5.21 7.12 -0.05
N ARG A 8 -5.05 5.85 -0.41
CA ARG A 8 -4.45 4.88 0.50
C ARG A 8 -5.08 4.96 1.88
N ALA A 9 -6.39 5.19 1.92
CA ALA A 9 -7.11 5.28 3.17
C ALA A 9 -7.00 3.98 3.96
N ALA A 10 -6.47 4.06 5.17
CA ALA A 10 -6.32 2.87 6.02
C ALA A 10 -5.58 1.78 5.27
N HIS A 11 -4.61 2.18 4.44
CA HIS A 11 -3.83 1.21 3.68
C HIS A 11 -4.75 0.25 2.93
N VAL A 12 -5.18 0.66 1.73
CA VAL A 12 -6.06 -0.17 0.93
C VAL A 12 -5.49 -1.59 0.79
N GLY A 13 -4.17 -1.70 0.91
CA GLY A 13 -3.51 -2.99 0.80
C GLY A 13 -3.93 -3.93 1.91
N ARG A 14 -3.58 -3.56 3.14
CA ARG A 14 -3.92 -4.38 4.30
C ARG A 14 -3.51 -5.83 4.07
N HIS A 15 -2.20 -6.09 4.17
CA HIS A 15 -1.69 -7.44 3.97
C HIS A 15 -2.02 -8.32 5.17
N VAL A 16 -1.17 -9.31 5.43
CA VAL A 16 -1.38 -10.21 6.55
C VAL A 16 -1.34 -9.44 7.87
N GLY A 17 -0.91 -8.18 7.81
CA GLY A 17 -0.82 -7.35 8.99
C GLY A 17 -0.48 -5.91 8.65
N ARG A 18 -1.03 -5.42 7.55
CA ARG A 18 -0.77 -4.05 7.12
C ARG A 18 0.72 -3.81 6.98
N ALA A 19 1.34 -4.45 5.99
CA ALA A 19 2.77 -4.30 5.74
C ALA A 19 3.04 -3.02 4.95
N ALA A 20 4.26 -2.50 5.07
CA ALA A 20 4.63 -1.29 4.37
C ALA A 20 6.12 -1.02 4.49
N LEU A 21 6.80 -1.81 5.32
CA LEU A 21 8.23 -1.64 5.51
C LEU A 21 9.00 -2.07 4.26
N THR A 22 8.90 -3.35 3.92
CA THR A 22 9.59 -3.87 2.75
C THR A 22 8.96 -3.32 1.47
N HIS A 23 9.79 -3.13 0.44
CA HIS A 23 9.31 -2.62 -0.83
C HIS A 23 10.40 -2.70 -1.89
N TYR A 24 10.08 -2.21 -3.09
CA TYR A 24 11.04 -2.24 -4.20
C TYR A 24 10.66 -1.20 -5.25
N LEU A 25 9.86 -1.63 -6.24
CA LEU A 25 9.44 -0.73 -7.31
C LEU A 25 10.64 0.01 -7.90
N GLY A 1 -5.02 -0.82 -8.95
CA GLY A 1 -3.57 -0.93 -9.06
C GLY A 1 -3.06 -0.42 -10.39
N TRP A 2 -3.44 0.81 -10.73
CA TRP A 2 -3.01 1.41 -11.98
C TRP A 2 -3.38 2.90 -12.01
N GLY A 3 -2.92 3.64 -11.00
CA GLY A 3 -3.21 5.06 -10.93
C GLY A 3 -4.65 5.32 -10.49
N SER A 4 -5.44 4.27 -10.40
CA SER A 4 -6.83 4.39 -9.99
C SER A 4 -6.93 5.11 -8.66
N PHE A 5 -6.10 4.70 -7.70
CA PHE A 5 -6.10 5.30 -6.37
C PHE A 5 -5.79 6.80 -6.47
N PHE A 6 -6.60 7.60 -5.80
CA PHE A 6 -6.41 9.05 -5.82
C PHE A 6 -7.28 9.72 -4.76
N ARG A 7 -8.47 9.16 -4.54
CA ARG A 7 -9.39 9.72 -3.54
C ARG A 7 -8.71 9.78 -2.18
N ARG A 8 -7.90 8.78 -1.88
CA ARG A 8 -7.20 8.74 -0.60
C ARG A 8 -8.18 8.93 0.55
N ALA A 9 -9.20 8.07 0.60
CA ALA A 9 -10.21 8.15 1.66
C ALA A 9 -9.68 7.55 2.96
N ALA A 10 -9.07 6.38 2.84
CA ALA A 10 -8.51 5.69 4.01
C ALA A 10 -7.64 4.53 3.58
N HIS A 11 -7.68 4.21 2.29
CA HIS A 11 -6.89 3.10 1.76
C HIS A 11 -5.40 3.44 1.80
N VAL A 12 -5.03 4.52 1.14
CA VAL A 12 -3.63 4.95 1.11
C VAL A 12 -2.74 3.84 0.54
N GLY A 13 -2.42 2.86 1.37
CA GLY A 13 -1.58 1.76 0.94
C GLY A 13 -1.36 0.75 2.06
N ARG A 14 -2.30 0.68 2.99
CA ARG A 14 -2.19 -0.25 4.11
C ARG A 14 -2.11 -1.69 3.61
N HIS A 15 -2.65 -2.61 4.41
CA HIS A 15 -2.62 -4.02 4.04
C HIS A 15 -1.21 -4.48 3.71
N VAL A 16 -0.80 -4.27 2.46
CA VAL A 16 0.55 -4.66 2.04
C VAL A 16 1.59 -3.68 2.56
N GLY A 17 1.12 -2.53 3.05
CA GLY A 17 2.00 -1.51 3.57
C GLY A 17 2.62 -1.93 4.89
N ARG A 18 1.76 -2.24 5.86
CA ARG A 18 2.23 -2.65 7.18
C ARG A 18 3.11 -3.90 7.06
N ALA A 19 2.61 -4.90 6.35
CA ALA A 19 3.35 -6.15 6.16
C ALA A 19 4.71 -5.87 5.52
N ALA A 20 5.77 -6.34 6.16
CA ALA A 20 7.12 -6.14 5.65
C ALA A 20 8.12 -7.00 6.41
N LEU A 21 7.73 -8.23 6.70
CA LEU A 21 8.60 -9.15 7.43
C LEU A 21 9.73 -9.64 6.53
N THR A 22 9.40 -9.93 5.27
CA THR A 22 10.40 -10.40 4.32
C THR A 22 11.28 -9.26 3.84
N HIS A 23 12.39 -9.03 4.55
CA HIS A 23 13.31 -7.96 4.19
C HIS A 23 13.77 -8.12 2.74
N TYR A 24 14.77 -7.32 2.36
CA TYR A 24 15.30 -7.39 1.01
C TYR A 24 16.58 -6.57 0.89
N LEU A 25 17.43 -6.93 -0.07
CA LEU A 25 18.68 -6.23 -0.28
C LEU A 25 19.32 -6.63 -1.61
N GLY A 1 -18.04 6.37 0.71
CA GLY A 1 -16.63 6.04 0.72
C GLY A 1 -16.16 5.56 -0.64
N TRP A 2 -15.45 6.43 -1.36
CA TRP A 2 -14.93 6.07 -2.67
C TRP A 2 -13.75 5.13 -2.55
N GLY A 3 -14.03 3.87 -2.18
CA GLY A 3 -12.98 2.88 -2.03
C GLY A 3 -12.13 3.17 -0.80
N SER A 4 -12.33 4.33 -0.20
CA SER A 4 -11.57 4.72 0.99
C SER A 4 -10.08 4.59 0.71
N PHE A 5 -9.57 5.40 -0.21
CA PHE A 5 -8.15 5.37 -0.55
C PHE A 5 -7.32 6.02 0.56
N PHE A 6 -6.01 6.08 0.36
CA PHE A 6 -5.11 6.68 1.35
C PHE A 6 -3.81 7.13 0.69
N ARG A 7 -3.16 6.22 -0.03
CA ARG A 7 -1.90 6.53 -0.70
C ARG A 7 -2.16 7.34 -1.96
N ARG A 8 -3.11 6.89 -2.78
CA ARG A 8 -3.44 7.59 -4.02
C ARG A 8 -4.83 7.19 -4.50
N ALA A 9 -4.94 6.00 -5.07
CA ALA A 9 -6.22 5.52 -5.56
C ALA A 9 -6.11 4.06 -6.00
N ALA A 10 -4.91 3.65 -6.41
CA ALA A 10 -4.67 2.28 -6.84
C ALA A 10 -3.18 1.97 -6.82
N HIS A 11 -2.66 1.70 -5.63
CA HIS A 11 -1.24 1.38 -5.49
C HIS A 11 -0.39 2.50 -6.10
N VAL A 12 0.22 3.30 -5.22
CA VAL A 12 1.06 4.40 -5.68
C VAL A 12 2.09 3.90 -6.69
N GLY A 13 2.39 2.62 -6.64
CA GLY A 13 3.35 2.03 -7.56
C GLY A 13 3.61 0.57 -7.25
N ARG A 14 3.02 0.09 -6.17
CA ARG A 14 3.19 -1.31 -5.77
C ARG A 14 4.67 -1.66 -5.66
N HIS A 15 5.20 -1.59 -4.44
CA HIS A 15 6.61 -1.89 -4.21
C HIS A 15 6.84 -3.40 -4.23
N VAL A 16 6.71 -4.00 -5.41
CA VAL A 16 6.90 -5.44 -5.55
C VAL A 16 6.01 -6.19 -4.56
N GLY A 17 4.70 -6.07 -4.75
CA GLY A 17 3.74 -6.73 -3.89
C GLY A 17 3.54 -5.98 -2.59
N ARG A 18 3.58 -4.65 -2.67
CA ARG A 18 3.40 -3.81 -1.49
C ARG A 18 4.41 -4.19 -0.40
N ALA A 19 5.67 -4.29 -0.79
CA ALA A 19 6.73 -4.64 0.16
C ALA A 19 6.82 -3.57 1.26
N ALA A 20 7.41 -3.94 2.39
CA ALA A 20 7.57 -3.02 3.51
C ALA A 20 8.63 -3.52 4.47
N LEU A 21 9.11 -4.74 4.25
CA LEU A 21 10.14 -5.31 5.11
C LEU A 21 9.76 -5.18 6.58
N THR A 22 9.20 -6.24 7.14
CA THR A 22 8.79 -6.23 8.54
C THR A 22 8.54 -7.65 9.03
N HIS A 23 8.51 -7.82 10.35
CA HIS A 23 8.28 -9.13 10.93
C HIS A 23 8.06 -9.02 12.44
N TYR A 24 7.49 -7.90 12.87
CA TYR A 24 7.24 -7.69 14.29
C TYR A 24 8.52 -7.87 15.09
N LEU A 25 9.13 -6.76 15.50
CA LEU A 25 10.37 -6.81 16.28
C LEU A 25 10.61 -5.46 16.96
N GLY A 1 -9.34 0.83 2.18
CA GLY A 1 -10.53 0.54 1.40
C GLY A 1 -10.20 -0.21 0.12
N TRP A 2 -11.08 -0.10 -0.88
CA TRP A 2 -10.88 -0.75 -2.16
C TRP A 2 -11.69 -0.07 -3.25
N GLY A 3 -12.99 0.10 -2.98
CA GLY A 3 -13.87 0.74 -3.94
C GLY A 3 -13.71 2.25 -3.93
N SER A 4 -12.55 2.71 -3.46
CA SER A 4 -12.27 4.14 -3.40
C SER A 4 -10.77 4.38 -3.29
N PHE A 5 -10.20 5.02 -4.32
CA PHE A 5 -8.77 5.30 -4.33
C PHE A 5 -8.42 6.23 -5.49
N PHE A 6 -7.48 7.14 -5.25
CA PHE A 6 -7.06 8.09 -6.28
C PHE A 6 -5.65 8.61 -5.98
N ARG A 7 -4.71 7.70 -5.80
CA ARG A 7 -3.33 8.07 -5.51
C ARG A 7 -3.28 9.04 -4.33
N ARG A 8 -3.81 8.61 -3.20
CA ARG A 8 -3.83 9.45 -2.00
C ARG A 8 -4.19 8.63 -0.77
N ALA A 9 -5.06 7.64 -0.95
CA ALA A 9 -5.47 6.79 0.16
C ALA A 9 -4.26 6.08 0.77
N ALA A 10 -4.08 4.81 0.41
CA ALA A 10 -2.96 4.03 0.93
C ALA A 10 -2.84 2.71 0.18
N HIS A 11 -2.24 2.77 -1.00
CA HIS A 11 -2.06 1.56 -1.81
C HIS A 11 -1.02 1.80 -2.90
N VAL A 12 -1.30 2.74 -3.79
CA VAL A 12 -0.38 3.07 -4.87
C VAL A 12 0.85 3.79 -4.33
N GLY A 13 1.79 3.04 -3.78
CA GLY A 13 3.00 3.61 -3.24
C GLY A 13 3.90 2.57 -2.61
N ARG A 14 3.60 2.23 -1.36
CA ARG A 14 4.39 1.23 -0.62
C ARG A 14 3.78 -0.17 -0.79
N HIS A 15 4.23 -1.10 0.02
CA HIS A 15 3.73 -2.47 -0.05
C HIS A 15 3.85 -3.03 -1.47
N VAL A 16 2.71 -3.25 -2.12
CA VAL A 16 2.72 -3.79 -3.48
C VAL A 16 3.71 -3.03 -4.37
N GLY A 17 3.92 -1.76 -4.05
CA GLY A 17 4.84 -0.94 -4.83
C GLY A 17 6.28 -1.35 -4.61
N ARG A 18 6.66 -1.55 -3.34
CA ARG A 18 8.02 -1.94 -3.02
C ARG A 18 8.13 -2.33 -1.55
N ALA A 19 7.88 -3.60 -1.26
CA ALA A 19 7.95 -4.09 0.11
C ALA A 19 9.39 -4.01 0.62
N ALA A 20 9.57 -4.10 1.93
CA ALA A 20 10.90 -4.04 2.52
C ALA A 20 10.86 -4.46 3.98
N LEU A 21 9.93 -3.89 4.74
CA LEU A 21 9.81 -4.22 6.16
C LEU A 21 9.11 -5.57 6.34
N THR A 22 9.55 -6.55 5.55
CA THR A 22 8.97 -7.89 5.63
C THR A 22 9.24 -8.51 7.01
N HIS A 23 8.20 -8.61 7.81
CA HIS A 23 8.33 -9.17 9.15
C HIS A 23 6.96 -9.35 9.81
N TYR A 24 6.96 -9.79 11.06
CA TYR A 24 5.71 -9.99 11.77
C TYR A 24 4.88 -8.72 11.78
N LEU A 25 3.65 -8.82 11.30
CA LEU A 25 2.75 -7.67 11.26
C LEU A 25 2.38 -7.21 12.67
N GLY A 1 -5.32 -0.32 -9.57
CA GLY A 1 -4.81 0.62 -10.55
C GLY A 1 -3.63 1.42 -10.02
N TRP A 2 -3.66 2.73 -10.25
CA TRP A 2 -2.59 3.60 -9.80
C TRP A 2 -3.04 5.06 -9.81
N GLY A 3 -2.72 5.79 -8.75
CA GLY A 3 -3.11 7.19 -8.65
C GLY A 3 -4.59 7.34 -8.36
N SER A 4 -5.37 6.31 -8.68
CA SER A 4 -6.80 6.35 -8.45
C SER A 4 -7.11 6.23 -6.96
N PHE A 5 -7.60 7.31 -6.38
CA PHE A 5 -7.93 7.32 -4.95
C PHE A 5 -9.12 6.41 -4.67
N PHE A 6 -9.54 6.36 -3.41
CA PHE A 6 -10.68 5.53 -3.02
C PHE A 6 -11.27 6.01 -1.71
N ARG A 7 -10.44 6.67 -0.90
CA ARG A 7 -10.90 7.18 0.40
C ARG A 7 -9.88 8.17 0.96
N ARG A 8 -8.59 7.86 0.78
CA ARG A 8 -7.53 8.72 1.27
C ARG A 8 -6.18 8.25 0.75
N ALA A 9 -5.74 8.85 -0.36
CA ALA A 9 -4.46 8.47 -0.95
C ALA A 9 -4.40 6.96 -1.16
N ALA A 10 -5.55 6.31 -1.04
CA ALA A 10 -5.63 4.85 -1.22
C ALA A 10 -4.70 4.16 -0.22
N HIS A 11 -4.61 4.72 0.98
CA HIS A 11 -3.76 4.14 2.02
C HIS A 11 -4.25 2.73 2.39
N VAL A 12 -5.53 2.49 2.15
CA VAL A 12 -6.11 1.19 2.46
C VAL A 12 -5.60 0.13 1.49
N GLY A 13 -4.33 -0.24 1.64
CA GLY A 13 -3.73 -1.24 0.77
C GLY A 13 -2.25 -1.38 1.01
N ARG A 14 -1.77 -0.81 2.11
CA ARG A 14 -0.34 -0.88 2.43
C ARG A 14 0.10 -2.34 2.54
N HIS A 15 -0.84 -3.21 2.92
CA HIS A 15 -0.53 -4.63 3.06
C HIS A 15 -0.38 -5.27 1.68
N VAL A 16 -1.47 -5.26 0.91
CA VAL A 16 -1.46 -5.83 -0.44
C VAL A 16 -0.84 -4.84 -1.43
N GLY A 17 0.29 -4.25 -1.04
CA GLY A 17 0.96 -3.29 -1.90
C GLY A 17 2.38 -3.02 -1.44
N ARG A 18 2.57 -2.95 -0.12
CA ARG A 18 3.90 -2.70 0.44
C ARG A 18 3.93 -3.06 1.92
N ALA A 19 3.99 -4.36 2.21
CA ALA A 19 4.02 -4.83 3.58
C ALA A 19 5.34 -4.44 4.26
N ALA A 20 5.87 -5.33 5.09
CA ALA A 20 7.12 -5.06 5.78
C ALA A 20 7.70 -6.35 6.38
N LEU A 21 6.84 -7.36 6.52
CA LEU A 21 7.28 -8.63 7.07
C LEU A 21 8.23 -9.34 6.11
N THR A 22 9.48 -8.87 6.09
CA THR A 22 10.49 -9.47 5.22
C THR A 22 11.88 -8.99 5.61
N HIS A 23 11.93 -8.06 6.56
CA HIS A 23 13.21 -7.52 7.02
C HIS A 23 14.05 -7.03 5.84
N TYR A 24 14.08 -5.71 5.65
CA TYR A 24 14.84 -5.13 4.56
C TYR A 24 16.28 -5.65 4.57
N LEU A 25 17.06 -5.22 3.58
CA LEU A 25 18.45 -5.65 3.49
C LEU A 25 19.28 -4.98 4.59
N GLY A 1 -0.38 5.97 -9.61
CA GLY A 1 -1.69 5.33 -9.60
C GLY A 1 -2.44 5.56 -10.90
N TRP A 2 -3.66 5.06 -10.96
CA TRP A 2 -4.48 5.20 -12.16
C TRP A 2 -5.91 4.72 -11.90
N GLY A 3 -6.16 4.28 -10.67
CA GLY A 3 -7.47 3.80 -10.30
C GLY A 3 -7.52 3.34 -8.85
N SER A 4 -6.36 2.95 -8.33
CA SER A 4 -6.28 2.49 -6.95
C SER A 4 -6.67 3.61 -5.98
N PHE A 5 -7.91 3.57 -5.51
CA PHE A 5 -8.40 4.59 -4.58
C PHE A 5 -9.63 4.08 -3.83
N PHE A 6 -9.61 4.24 -2.51
CA PHE A 6 -10.73 3.80 -1.68
C PHE A 6 -10.66 4.43 -0.29
N ARG A 7 -9.53 5.09 -0.02
CA ARG A 7 -9.35 5.74 1.28
C ARG A 7 -8.18 6.72 1.21
N ARG A 8 -7.07 6.29 0.62
CA ARG A 8 -5.90 7.15 0.50
C ARG A 8 -4.84 6.49 -0.39
N ALA A 9 -5.14 6.36 -1.67
CA ALA A 9 -4.21 5.75 -2.61
C ALA A 9 -3.72 4.40 -2.08
N ALA A 10 -4.49 3.82 -1.16
CA ALA A 10 -4.13 2.53 -0.57
C ALA A 10 -2.76 2.61 0.09
N HIS A 11 -2.22 3.82 0.18
CA HIS A 11 -0.91 4.01 0.80
C HIS A 11 -1.00 3.83 2.31
N VAL A 12 -2.06 4.37 2.90
CA VAL A 12 -2.26 4.26 4.35
C VAL A 12 -2.16 2.81 4.79
N GLY A 13 -1.76 2.61 6.05
CA GLY A 13 -1.62 1.27 6.59
C GLY A 13 -0.35 0.59 6.12
N ARG A 14 -0.06 0.71 4.83
CA ARG A 14 1.14 0.12 4.26
C ARG A 14 1.20 -1.37 4.59
N HIS A 15 2.41 -1.93 4.56
CA HIS A 15 2.59 -3.35 4.85
C HIS A 15 1.71 -4.21 3.96
N VAL A 16 0.45 -4.39 4.37
CA VAL A 16 -0.48 -5.20 3.60
C VAL A 16 -0.78 -4.53 2.25
N GLY A 17 -0.78 -3.20 2.24
CA GLY A 17 -1.06 -2.47 1.02
C GLY A 17 -0.03 -2.78 -0.06
N ARG A 18 1.24 -2.53 0.24
CA ARG A 18 2.30 -2.79 -0.72
C ARG A 18 2.48 -4.28 -0.92
N ALA A 19 2.01 -5.07 0.04
CA ALA A 19 2.12 -6.53 -0.04
C ALA A 19 3.57 -6.94 -0.23
N ALA A 20 4.49 -6.18 0.35
CA ALA A 20 5.91 -6.49 0.25
C ALA A 20 6.27 -7.68 1.14
N LEU A 21 7.17 -8.51 0.65
CA LEU A 21 7.60 -9.69 1.42
C LEU A 21 8.49 -9.27 2.58
N THR A 22 7.89 -8.64 3.59
CA THR A 22 8.64 -8.20 4.76
C THR A 22 9.90 -7.43 4.33
N HIS A 23 9.75 -6.13 4.14
CA HIS A 23 10.87 -5.28 3.73
C HIS A 23 11.83 -5.08 4.90
N TYR A 24 13.14 -5.08 4.59
CA TYR A 24 14.15 -4.90 5.61
C TYR A 24 13.95 -3.57 6.33
N LEU A 25 13.18 -2.68 5.70
CA LEU A 25 12.91 -1.37 6.30
C LEU A 25 14.22 -0.68 6.66
N GLY A 1 -8.43 6.78 -13.82
CA GLY A 1 -9.10 6.90 -12.53
C GLY A 1 -10.50 7.45 -12.66
N TRP A 2 -11.15 7.71 -11.53
CA TRP A 2 -12.50 8.24 -11.55
C TRP A 2 -12.92 8.68 -10.15
N GLY A 3 -12.64 7.84 -9.16
CA GLY A 3 -12.98 8.15 -7.79
C GLY A 3 -12.43 7.13 -6.80
N SER A 4 -11.82 6.08 -7.34
CA SER A 4 -11.25 5.03 -6.50
C SER A 4 -10.09 5.58 -5.68
N PHE A 5 -9.69 4.84 -4.65
CA PHE A 5 -8.59 5.26 -3.80
C PHE A 5 -7.33 5.51 -4.63
N PHE A 6 -6.30 6.04 -3.98
CA PHE A 6 -5.05 6.33 -4.67
C PHE A 6 -3.96 6.70 -3.67
N ARG A 7 -3.40 5.69 -3.01
CA ARG A 7 -2.35 5.93 -2.03
C ARG A 7 -2.80 6.95 -0.99
N ARG A 8 -3.90 6.65 -0.30
CA ARG A 8 -4.42 7.55 0.72
C ARG A 8 -5.41 6.82 1.61
N ALA A 9 -5.41 7.18 2.89
CA ALA A 9 -6.32 6.55 3.85
C ALA A 9 -6.19 5.03 3.78
N ALA A 10 -5.18 4.54 3.07
CA ALA A 10 -4.97 3.11 2.93
C ALA A 10 -3.64 2.84 2.24
N HIS A 11 -2.60 2.60 3.03
CA HIS A 11 -1.28 2.32 2.50
C HIS A 11 -1.28 0.99 1.73
N VAL A 12 -1.80 1.03 0.50
CA VAL A 12 -1.85 -0.18 -0.32
C VAL A 12 -0.45 -0.58 -0.78
N GLY A 13 0.48 0.36 -0.69
CA GLY A 13 1.86 0.09 -1.10
C GLY A 13 2.40 -1.17 -0.47
N ARG A 14 2.65 -1.12 0.83
CA ARG A 14 3.17 -2.27 1.55
C ARG A 14 2.07 -3.32 1.76
N HIS A 15 2.44 -4.43 2.37
CA HIS A 15 1.49 -5.50 2.62
C HIS A 15 0.75 -5.88 1.34
N VAL A 16 -0.47 -5.37 1.18
CA VAL A 16 -1.27 -5.66 -0.01
C VAL A 16 -0.75 -4.86 -1.20
N GLY A 17 0.45 -5.20 -1.66
CA GLY A 17 1.04 -4.52 -2.79
C GLY A 17 2.46 -4.98 -3.06
N ARG A 18 3.21 -5.17 -1.98
CA ARG A 18 4.60 -5.63 -2.09
C ARG A 18 5.04 -6.28 -0.78
N ALA A 19 4.43 -7.41 -0.46
CA ALA A 19 4.75 -8.13 0.76
C ALA A 19 6.18 -8.68 0.69
N ALA A 20 6.92 -8.51 1.78
CA ALA A 20 8.30 -8.99 1.83
C ALA A 20 8.80 -8.99 3.27
N LEU A 21 8.15 -8.21 4.11
CA LEU A 21 8.54 -8.12 5.53
C LEU A 21 10.04 -7.89 5.66
N THR A 22 10.50 -6.75 5.14
CA THR A 22 11.91 -6.41 5.20
C THR A 22 12.34 -6.18 6.65
N HIS A 23 11.37 -6.22 7.56
CA HIS A 23 11.64 -6.02 8.97
C HIS A 23 12.43 -4.72 9.18
N TYR A 24 12.73 -4.42 10.43
CA TYR A 24 13.49 -3.21 10.76
C TYR A 24 12.83 -1.98 10.12
N LEU A 25 11.52 -2.08 9.87
CA LEU A 25 10.79 -0.98 9.27
C LEU A 25 11.46 -0.54 7.96
N GLY A 1 -14.07 9.18 -4.10
CA GLY A 1 -15.38 8.83 -3.59
C GLY A 1 -15.45 7.42 -3.07
N TRP A 2 -14.56 6.57 -3.57
CA TRP A 2 -14.52 5.17 -3.13
C TRP A 2 -13.21 4.52 -3.55
N GLY A 3 -12.17 4.74 -2.75
CA GLY A 3 -10.86 4.16 -3.04
C GLY A 3 -10.32 4.60 -4.39
N SER A 4 -10.87 5.69 -4.91
CA SER A 4 -10.43 6.22 -6.20
C SER A 4 -8.99 6.73 -6.10
N PHE A 5 -8.82 8.04 -6.11
CA PHE A 5 -7.49 8.63 -6.03
C PHE A 5 -6.57 8.04 -7.08
N PHE A 6 -5.88 6.96 -6.73
CA PHE A 6 -4.97 6.30 -7.65
C PHE A 6 -4.65 4.89 -7.17
N ARG A 7 -5.53 4.34 -6.34
CA ARG A 7 -5.34 3.00 -5.82
C ARG A 7 -3.96 2.85 -5.20
N ARG A 8 -3.64 3.74 -4.26
CA ARG A 8 -2.34 3.70 -3.59
C ARG A 8 -2.32 4.64 -2.40
N ALA A 9 -3.32 5.52 -2.33
CA ALA A 9 -3.41 6.48 -1.23
C ALA A 9 -3.27 5.75 0.12
N ALA A 10 -4.37 5.16 0.58
CA ALA A 10 -4.36 4.45 1.84
C ALA A 10 -3.64 3.11 1.70
N HIS A 11 -2.85 2.98 0.63
CA HIS A 11 -2.11 1.74 0.38
C HIS A 11 -3.06 0.55 0.33
N VAL A 12 -3.60 0.27 -0.84
CA VAL A 12 -4.52 -0.85 -1.02
C VAL A 12 -3.88 -2.15 -0.51
N GLY A 13 -2.75 -2.51 -1.11
CA GLY A 13 -2.04 -3.71 -0.72
C GLY A 13 -0.93 -4.05 -1.70
N ARG A 14 -0.04 -3.07 -1.94
CA ARG A 14 1.08 -3.29 -2.85
C ARG A 14 2.08 -2.15 -2.73
N HIS A 15 2.45 -1.83 -1.49
CA HIS A 15 3.41 -0.75 -1.24
C HIS A 15 4.83 -1.22 -1.49
N VAL A 16 5.29 -1.08 -2.72
CA VAL A 16 6.64 -1.50 -3.08
C VAL A 16 6.88 -2.95 -2.66
N GLY A 17 6.24 -3.88 -3.37
CA GLY A 17 6.39 -5.28 -3.07
C GLY A 17 6.00 -5.61 -1.64
N ARG A 18 4.87 -5.04 -1.21
CA ARG A 18 4.39 -5.29 0.15
C ARG A 18 5.49 -5.01 1.18
N ALA A 19 5.66 -3.73 1.50
CA ALA A 19 6.69 -3.34 2.46
C ALA A 19 8.07 -3.81 2.01
N ALA A 20 8.90 -4.23 2.96
CA ALA A 20 10.24 -4.70 2.63
C ALA A 20 10.87 -5.38 3.84
N LEU A 21 12.19 -5.24 3.98
CA LEU A 21 12.89 -5.86 5.09
C LEU A 21 12.64 -5.07 6.39
N THR A 22 11.54 -4.32 6.41
CA THR A 22 11.20 -3.54 7.59
C THR A 22 10.79 -4.44 8.74
N HIS A 23 11.33 -4.17 9.93
CA HIS A 23 11.01 -4.96 11.11
C HIS A 23 9.52 -4.91 11.41
N TYR A 24 8.74 -5.72 10.69
CA TYR A 24 7.30 -5.74 10.89
C TYR A 24 6.67 -6.89 10.11
N LEU A 25 6.74 -8.10 10.66
CA LEU A 25 6.18 -9.27 10.00
C LEU A 25 6.09 -10.44 10.99
N GLY A 1 -6.98 -0.83 -7.29
CA GLY A 1 -7.85 -0.44 -8.40
C GLY A 1 -8.92 -1.49 -8.67
N TRP A 2 -9.26 -2.26 -7.64
CA TRP A 2 -10.27 -3.30 -7.78
C TRP A 2 -10.64 -3.88 -6.42
N GLY A 3 -9.72 -3.79 -5.47
CA GLY A 3 -9.96 -4.30 -4.14
C GLY A 3 -8.79 -4.05 -3.21
N SER A 4 -8.44 -2.78 -3.02
CA SER A 4 -7.33 -2.41 -2.15
C SER A 4 -7.34 -0.91 -1.88
N PHE A 5 -6.44 -0.19 -2.54
CA PHE A 5 -6.34 1.26 -2.35
C PHE A 5 -7.48 1.96 -3.10
N PHE A 6 -7.45 3.30 -3.08
CA PHE A 6 -8.47 4.09 -3.76
C PHE A 6 -7.96 5.50 -4.04
N ARG A 7 -6.67 5.59 -4.35
CA ARG A 7 -6.06 6.88 -4.64
C ARG A 7 -6.29 7.86 -3.50
N ARG A 8 -6.09 7.38 -2.27
CA ARG A 8 -6.28 8.22 -1.10
C ARG A 8 -5.67 7.56 0.14
N ALA A 9 -5.77 6.23 0.19
CA ALA A 9 -5.21 5.49 1.32
C ALA A 9 -3.74 5.83 1.53
N ALA A 10 -3.08 5.06 2.39
CA ALA A 10 -1.66 5.29 2.67
C ALA A 10 -0.80 4.80 1.51
N HIS A 11 -1.44 4.33 0.45
CA HIS A 11 -0.72 3.83 -0.72
C HIS A 11 0.22 4.90 -1.26
N VAL A 12 -0.35 6.05 -1.63
CA VAL A 12 0.45 7.15 -2.16
C VAL A 12 1.30 7.78 -1.07
N GLY A 13 1.01 7.42 0.18
CA GLY A 13 1.75 7.95 1.31
C GLY A 13 3.13 7.34 1.42
N ARG A 14 3.24 6.27 2.20
CA ARG A 14 4.51 5.59 2.39
C ARG A 14 4.31 4.26 3.10
N HIS A 15 3.25 3.56 2.74
CA HIS A 15 2.94 2.27 3.36
C HIS A 15 4.07 1.27 3.12
N VAL A 16 5.09 1.34 3.95
CA VAL A 16 6.23 0.44 3.82
C VAL A 16 6.88 0.57 2.44
N GLY A 17 7.52 1.71 2.20
CA GLY A 17 8.18 1.96 0.94
C GLY A 17 7.31 1.57 -0.24
N ARG A 18 6.17 2.22 -0.38
CA ARG A 18 5.25 1.95 -1.48
C ARG A 18 4.98 0.45 -1.59
N ALA A 19 4.43 -0.13 -0.53
CA ALA A 19 4.11 -1.56 -0.52
C ALA A 19 5.29 -2.38 -1.05
N ALA A 20 6.32 -2.54 -0.22
CA ALA A 20 7.49 -3.32 -0.61
C ALA A 20 7.21 -4.81 -0.50
N LEU A 21 5.95 -5.15 -0.23
CA LEU A 21 5.56 -6.55 -0.10
C LEU A 21 6.37 -7.22 1.00
N THR A 22 6.57 -6.51 2.11
CA THR A 22 7.33 -7.05 3.22
C THR A 22 6.56 -8.17 3.91
N HIS A 23 5.28 -7.91 4.18
CA HIS A 23 4.43 -8.90 4.84
C HIS A 23 5.05 -9.35 6.16
N TYR A 24 4.26 -10.03 6.98
CA TYR A 24 4.74 -10.51 8.27
C TYR A 24 5.93 -11.46 8.09
N LEU A 25 5.75 -12.73 8.43
CA LEU A 25 6.81 -13.71 8.30
C LEU A 25 7.07 -14.01 6.82
N GLY A 1 -11.09 1.51 -15.31
CA GLY A 1 -11.59 1.42 -13.95
C GLY A 1 -11.34 0.06 -13.34
N TRP A 2 -11.33 0.00 -12.01
CA TRP A 2 -11.09 -1.26 -11.31
C TRP A 2 -11.34 -1.09 -9.81
N GLY A 3 -11.54 0.15 -9.40
CA GLY A 3 -11.80 0.45 -8.00
C GLY A 3 -11.82 1.95 -7.74
N SER A 4 -11.21 2.71 -8.65
CA SER A 4 -11.17 4.16 -8.51
C SER A 4 -10.54 4.54 -7.18
N PHE A 5 -9.43 3.90 -6.85
CA PHE A 5 -8.73 4.19 -5.59
C PHE A 5 -7.97 5.50 -5.70
N PHE A 6 -7.70 6.12 -4.54
CA PHE A 6 -6.99 7.39 -4.50
C PHE A 6 -6.40 7.61 -3.12
N ARG A 7 -6.92 6.89 -2.14
CA ARG A 7 -6.43 7.01 -0.76
C ARG A 7 -6.99 5.89 0.10
N ARG A 8 -6.77 4.65 -0.33
CA ARG A 8 -7.25 3.48 0.41
C ARG A 8 -6.22 2.35 0.34
N ALA A 9 -5.12 2.59 -0.35
CA ALA A 9 -4.06 1.60 -0.48
C ALA A 9 -2.80 2.22 -1.07
N ALA A 10 -2.31 3.28 -0.42
CA ALA A 10 -1.11 3.95 -0.90
C ALA A 10 -0.59 4.93 0.15
N HIS A 11 -1.12 6.16 0.12
CA HIS A 11 -0.70 7.18 1.07
C HIS A 11 -1.24 6.86 2.46
N VAL A 12 -2.26 6.02 2.53
CA VAL A 12 -2.86 5.65 3.80
C VAL A 12 -1.79 5.09 4.75
N GLY A 13 -0.72 4.56 4.18
CA GLY A 13 0.35 4.00 4.97
C GLY A 13 1.56 3.63 4.13
N ARG A 14 2.38 4.63 3.81
CA ARG A 14 3.57 4.40 3.00
C ARG A 14 4.57 3.54 3.77
N HIS A 15 4.40 3.48 5.08
CA HIS A 15 5.29 2.67 5.93
C HIS A 15 5.32 1.23 5.46
N VAL A 16 4.36 0.44 5.93
CA VAL A 16 4.28 -0.97 5.56
C VAL A 16 3.94 -1.11 4.07
N GLY A 17 3.33 -0.08 3.50
CA GLY A 17 2.96 -0.11 2.11
C GLY A 17 4.18 -0.25 1.20
N ARG A 18 5.07 0.73 1.28
CA ARG A 18 6.28 0.71 0.46
C ARG A 18 7.04 -0.61 0.65
N ALA A 19 7.67 -0.75 1.81
CA ALA A 19 8.42 -1.95 2.12
C ALA A 19 7.49 -3.15 2.23
N ALA A 20 7.08 -3.69 1.09
CA ALA A 20 6.17 -4.84 1.06
C ALA A 20 6.93 -6.11 1.43
N LEU A 21 8.06 -6.34 0.78
CA LEU A 21 8.86 -7.54 1.04
C LEU A 21 9.63 -7.38 2.35
N THR A 22 8.94 -6.95 3.40
CA THR A 22 9.57 -6.77 4.70
C THR A 22 9.87 -8.13 5.34
N HIS A 23 11.12 -8.56 5.25
CA HIS A 23 11.53 -9.84 5.82
C HIS A 23 10.60 -10.95 5.37
N TYR A 24 10.75 -12.13 5.97
CA TYR A 24 9.91 -13.27 5.61
C TYR A 24 8.45 -12.97 5.90
N LEU A 25 8.19 -12.17 6.92
CA LEU A 25 6.83 -11.80 7.29
C LEU A 25 6.25 -10.83 6.26
N GLY A 1 -11.23 9.39 -5.23
CA GLY A 1 -10.95 10.76 -5.59
C GLY A 1 -10.98 10.98 -7.09
N TRP A 2 -9.96 10.49 -7.77
CA TRP A 2 -9.88 10.63 -9.23
C TRP A 2 -8.77 9.75 -9.79
N GLY A 3 -7.55 9.98 -9.34
CA GLY A 3 -6.41 9.21 -9.81
C GLY A 3 -6.66 7.71 -9.70
N SER A 4 -7.25 7.30 -8.59
CA SER A 4 -7.55 5.89 -8.36
C SER A 4 -6.29 5.04 -8.56
N PHE A 5 -5.46 4.96 -7.53
CA PHE A 5 -4.24 4.18 -7.60
C PHE A 5 -4.54 2.69 -7.59
N PHE A 6 -4.60 2.11 -6.38
CA PHE A 6 -4.90 0.69 -6.23
C PHE A 6 -6.40 0.46 -6.27
N ARG A 7 -7.14 1.45 -5.78
CA ARG A 7 -8.60 1.35 -5.76
C ARG A 7 -9.20 2.69 -5.34
N ARG A 8 -8.41 3.51 -4.66
CA ARG A 8 -8.87 4.81 -4.22
C ARG A 8 -7.72 5.61 -3.61
N ALA A 9 -7.44 5.36 -2.33
CA ALA A 9 -6.35 6.06 -1.64
C ALA A 9 -6.13 5.46 -0.27
N ALA A 10 -5.33 6.15 0.55
CA ALA A 10 -5.04 5.67 1.89
C ALA A 10 -4.46 4.26 1.86
N HIS A 11 -4.15 3.79 0.65
CA HIS A 11 -3.60 2.45 0.48
C HIS A 11 -4.51 1.41 1.12
N VAL A 12 -5.52 0.97 0.37
CA VAL A 12 -6.46 -0.02 0.88
C VAL A 12 -5.79 -1.38 0.99
N GLY A 13 -4.93 -1.54 1.99
CA GLY A 13 -4.23 -2.80 2.19
C GLY A 13 -3.19 -2.69 3.28
N ARG A 14 -2.29 -1.72 3.16
CA ARG A 14 -1.24 -1.53 4.15
C ARG A 14 -0.45 -2.81 4.35
N HIS A 15 0.64 -2.72 5.11
CA HIS A 15 1.47 -3.89 5.37
C HIS A 15 1.85 -4.58 4.07
N VAL A 16 1.03 -5.54 3.66
CA VAL A 16 1.29 -6.28 2.42
C VAL A 16 1.26 -5.34 1.22
N GLY A 17 0.41 -4.32 1.30
CA GLY A 17 0.30 -3.35 0.22
C GLY A 17 1.53 -2.47 0.10
N ARG A 18 2.00 -1.96 1.24
CA ARG A 18 3.17 -1.11 1.26
C ARG A 18 4.43 -1.92 0.97
N ALA A 19 4.36 -3.22 1.23
CA ALA A 19 5.50 -4.10 1.00
C ALA A 19 6.72 -3.61 1.77
N ALA A 20 7.09 -4.34 2.82
CA ALA A 20 8.24 -3.96 3.62
C ALA A 20 8.63 -5.09 4.57
N LEU A 21 8.35 -6.32 4.16
CA LEU A 21 8.67 -7.48 4.98
C LEU A 21 10.17 -7.51 5.29
N THR A 22 10.97 -6.94 4.38
CA THR A 22 12.41 -6.91 4.56
C THR A 22 12.78 -5.92 5.67
N HIS A 23 12.49 -6.29 6.91
CA HIS A 23 12.80 -5.44 8.05
C HIS A 23 14.31 -5.39 8.29
N TYR A 24 15.06 -5.93 7.35
CA TYR A 24 16.52 -5.95 7.47
C TYR A 24 16.94 -6.60 8.79
N LEU A 25 17.34 -7.87 8.71
CA LEU A 25 17.76 -8.60 9.89
C LEU A 25 18.98 -7.92 10.53
N GLY A 1 -3.01 6.50 -10.39
CA GLY A 1 -3.50 7.84 -10.65
C GLY A 1 -5.02 7.90 -10.61
N TRP A 2 -5.64 6.75 -10.38
CA TRP A 2 -7.10 6.69 -10.33
C TRP A 2 -7.55 5.31 -9.86
N GLY A 3 -8.65 5.28 -9.11
CA GLY A 3 -9.18 4.03 -8.59
C GLY A 3 -8.34 3.47 -7.46
N SER A 4 -7.07 3.87 -7.42
CA SER A 4 -6.17 3.39 -6.39
C SER A 4 -4.89 4.22 -6.36
N PHE A 5 -4.02 3.94 -5.40
CA PHE A 5 -2.75 4.66 -5.28
C PHE A 5 -3.01 6.16 -5.20
N PHE A 6 -3.09 6.68 -3.99
CA PHE A 6 -3.33 8.10 -3.78
C PHE A 6 -3.06 8.50 -2.34
N ARG A 7 -3.79 7.85 -1.42
CA ARG A 7 -3.61 8.13 0.01
C ARG A 7 -2.34 7.49 0.53
N ARG A 8 -1.92 6.40 -0.11
CA ARG A 8 -0.72 5.70 0.29
C ARG A 8 -0.80 5.30 1.76
N ALA A 9 -1.94 4.76 2.17
CA ALA A 9 -2.14 4.34 3.55
C ALA A 9 -3.40 3.51 3.69
N ALA A 10 -4.34 3.70 2.76
CA ALA A 10 -5.59 2.95 2.79
C ALA A 10 -5.36 1.49 2.40
N HIS A 11 -5.61 1.17 1.13
CA HIS A 11 -5.43 -0.20 0.65
C HIS A 11 -3.95 -0.52 0.48
N VAL A 12 -3.21 0.41 -0.14
CA VAL A 12 -1.78 0.21 -0.37
C VAL A 12 -1.08 -0.14 0.94
N GLY A 13 -1.52 0.49 2.03
CA GLY A 13 -0.92 0.24 3.33
C GLY A 13 -1.01 -1.22 3.73
N ARG A 14 -2.23 -1.74 3.78
CA ARG A 14 -2.45 -3.14 4.16
C ARG A 14 -2.22 -4.06 2.97
N HIS A 15 -1.02 -3.97 2.39
CA HIS A 15 -0.68 -4.81 1.24
C HIS A 15 -0.34 -6.22 1.70
N VAL A 16 -1.35 -7.09 1.75
CA VAL A 16 -1.14 -8.47 2.17
C VAL A 16 -0.40 -8.51 3.50
N GLY A 17 -1.08 -8.08 4.56
CA GLY A 17 -0.48 -8.08 5.89
C GLY A 17 0.61 -7.03 6.01
N ARG A 18 0.31 -5.82 5.54
CA ARG A 18 1.28 -4.73 5.61
C ARG A 18 2.62 -5.18 5.03
N ALA A 19 2.57 -5.93 3.94
CA ALA A 19 3.78 -6.42 3.31
C ALA A 19 4.69 -7.11 4.32
N ALA A 20 5.84 -7.56 3.86
CA ALA A 20 6.79 -8.24 4.73
C ALA A 20 8.15 -8.39 4.05
N LEU A 21 8.18 -8.12 2.75
CA LEU A 21 9.43 -8.23 2.00
C LEU A 21 10.35 -7.07 2.36
N THR A 22 10.17 -5.95 1.69
CA THR A 22 11.00 -4.77 1.94
C THR A 22 10.40 -3.55 1.24
N HIS A 23 9.21 -3.72 0.68
CA HIS A 23 8.53 -2.63 -0.01
C HIS A 23 8.48 -1.38 0.88
N TYR A 24 9.43 -0.48 0.68
CA TYR A 24 9.47 0.74 1.47
C TYR A 24 8.16 1.52 1.34
N LEU A 25 7.65 2.00 2.46
CA LEU A 25 6.41 2.76 2.46
C LEU A 25 6.52 3.96 1.52
N GLY A 1 -10.86 -5.84 -2.08
CA GLY A 1 -10.29 -4.94 -3.07
C GLY A 1 -9.85 -5.69 -4.32
N TRP A 2 -8.57 -6.06 -4.37
CA TRP A 2 -8.02 -6.78 -5.51
C TRP A 2 -8.05 -5.90 -6.75
N GLY A 3 -6.90 -5.32 -7.08
CA GLY A 3 -6.80 -4.45 -8.23
C GLY A 3 -7.44 -3.11 -7.96
N SER A 4 -7.91 -2.92 -6.72
CA SER A 4 -8.53 -1.67 -6.33
C SER A 4 -7.54 -0.51 -6.42
N PHE A 5 -8.02 0.70 -6.13
CA PHE A 5 -7.16 1.88 -6.18
C PHE A 5 -6.14 1.85 -5.05
N PHE A 6 -5.49 2.99 -4.81
CA PHE A 6 -4.48 3.09 -3.75
C PHE A 6 -4.38 4.53 -3.26
N ARG A 7 -4.12 5.45 -4.19
CA ARG A 7 -4.00 6.86 -3.84
C ARG A 7 -5.38 7.49 -3.66
N ARG A 8 -6.32 6.70 -3.13
CA ARG A 8 -7.67 7.18 -2.91
C ARG A 8 -7.67 8.34 -1.92
N ALA A 9 -7.60 8.02 -0.64
CA ALA A 9 -7.57 9.06 0.40
C ALA A 9 -6.27 9.83 0.35
N ALA A 10 -5.19 9.20 0.79
CA ALA A 10 -3.88 9.84 0.80
C ALA A 10 -2.80 8.85 1.19
N HIS A 11 -2.35 8.07 0.21
CA HIS A 11 -1.32 7.07 0.46
C HIS A 11 -1.71 6.16 1.62
N VAL A 12 -2.46 5.10 1.31
CA VAL A 12 -2.90 4.16 2.33
C VAL A 12 -1.72 3.70 3.18
N GLY A 13 -0.57 3.50 2.54
CA GLY A 13 0.62 3.06 3.23
C GLY A 13 1.69 2.56 2.28
N ARG A 14 2.49 3.48 1.75
CA ARG A 14 3.55 3.12 0.83
C ARG A 14 4.52 4.28 0.64
N HIS A 15 5.68 4.00 0.04
CA HIS A 15 6.69 5.03 -0.19
C HIS A 15 7.02 5.75 1.12
N VAL A 16 6.24 6.77 1.44
CA VAL A 16 6.47 7.54 2.66
C VAL A 16 6.03 6.73 3.88
N GLY A 17 4.99 5.93 3.71
CA GLY A 17 4.47 5.11 4.80
C GLY A 17 5.56 4.27 5.43
N ARG A 18 6.13 3.35 4.64
CA ARG A 18 7.19 2.48 5.14
C ARG A 18 7.88 1.76 3.98
N ALA A 19 7.10 1.38 2.97
CA ALA A 19 7.65 0.69 1.82
C ALA A 19 8.45 -0.53 2.26
N ALA A 20 7.80 -1.70 2.24
CA ALA A 20 8.47 -2.93 2.64
C ALA A 20 7.66 -4.14 2.16
N LEU A 21 8.27 -4.95 1.30
CA LEU A 21 7.61 -6.14 0.78
C LEU A 21 7.47 -7.20 1.86
N THR A 22 6.55 -6.98 2.79
CA THR A 22 6.34 -7.94 3.88
C THR A 22 6.12 -9.33 3.32
N HIS A 23 7.18 -10.13 3.29
CA HIS A 23 7.11 -11.49 2.76
C HIS A 23 5.93 -12.23 3.38
N TYR A 24 4.79 -12.19 2.68
CA TYR A 24 3.59 -12.87 3.16
C TYR A 24 3.82 -14.38 3.22
N LEU A 25 3.27 -15.02 4.26
CA LEU A 25 3.43 -16.46 4.42
C LEU A 25 2.91 -17.19 3.18
N GLY A 1 -7.34 -1.39 -3.68
CA GLY A 1 -7.17 -2.57 -4.50
C GLY A 1 -8.18 -2.64 -5.63
N TRP A 2 -9.21 -1.81 -5.53
CA TRP A 2 -10.26 -1.78 -6.56
C TRP A 2 -11.19 -0.60 -6.33
N GLY A 3 -11.68 -0.46 -5.10
CA GLY A 3 -12.58 0.64 -4.77
C GLY A 3 -11.85 1.97 -4.71
N SER A 4 -10.62 1.93 -4.20
CA SER A 4 -9.81 3.15 -4.09
C SER A 4 -10.60 4.25 -3.39
N PHE A 5 -10.06 5.47 -3.44
CA PHE A 5 -10.72 6.62 -2.81
C PHE A 5 -10.25 7.91 -3.45
N PHE A 6 -10.48 9.03 -2.77
CA PHE A 6 -10.07 10.33 -3.28
C PHE A 6 -8.56 10.51 -3.16
N ARG A 7 -7.95 9.77 -2.23
CA ARG A 7 -6.51 9.85 -2.02
C ARG A 7 -5.77 9.39 -3.27
N ARG A 8 -6.06 8.17 -3.72
CA ARG A 8 -5.41 7.63 -4.91
C ARG A 8 -3.90 7.67 -4.76
N ALA A 9 -3.42 7.41 -3.56
CA ALA A 9 -1.98 7.43 -3.29
C ALA A 9 -1.68 6.80 -1.94
N ALA A 10 -2.59 6.97 -1.00
CA ALA A 10 -2.40 6.42 0.34
C ALA A 10 -2.26 4.90 0.28
N HIS A 11 -3.39 4.20 0.38
CA HIS A 11 -3.39 2.75 0.33
C HIS A 11 -3.08 2.26 -1.08
N VAL A 12 -3.64 2.95 -2.07
CA VAL A 12 -3.42 2.58 -3.46
C VAL A 12 -2.02 2.98 -3.90
N GLY A 13 -1.08 2.06 -3.77
CA GLY A 13 0.30 2.33 -4.16
C GLY A 13 1.24 1.25 -3.69
N ARG A 14 0.88 0.59 -2.59
CA ARG A 14 1.72 -0.48 -2.05
C ARG A 14 3.16 0.00 -1.87
N HIS A 15 4.10 -0.92 -2.06
CA HIS A 15 5.52 -0.58 -1.92
C HIS A 15 5.79 0.04 -0.55
N VAL A 16 6.12 1.33 -0.54
CA VAL A 16 6.40 2.03 0.71
C VAL A 16 5.21 1.94 1.66
N GLY A 17 4.01 2.01 1.10
CA GLY A 17 2.80 1.93 1.90
C GLY A 17 2.84 0.78 2.88
N ARG A 18 2.83 -0.44 2.35
CA ARG A 18 2.87 -1.63 3.19
C ARG A 18 3.07 -2.88 2.34
N ALA A 19 4.29 -3.07 1.85
CA ALA A 19 4.60 -4.22 1.02
C ALA A 19 6.11 -4.41 0.90
N ALA A 20 6.63 -5.38 1.63
CA ALA A 20 8.06 -5.66 1.61
C ALA A 20 8.37 -6.99 2.31
N LEU A 21 9.35 -7.71 1.79
CA LEU A 21 9.74 -8.99 2.36
C LEU A 21 10.51 -8.79 3.67
N THR A 22 10.39 -7.60 4.24
CA THR A 22 11.08 -7.30 5.49
C THR A 22 10.69 -8.29 6.58
N HIS A 23 9.42 -8.26 6.96
CA HIS A 23 8.92 -9.16 7.99
C HIS A 23 9.70 -9.00 9.29
N TYR A 24 9.08 -9.39 10.40
CA TYR A 24 9.73 -9.30 11.71
C TYR A 24 10.76 -10.40 11.88
N LEU A 25 11.20 -10.98 10.76
CA LEU A 25 12.18 -12.06 10.81
C LEU A 25 11.69 -13.18 11.70
#